data_6CXA
#
_entry.id   6CXA
#
_cell.length_a   79.051
_cell.length_b   190.450
_cell.length_c   151.085
_cell.angle_alpha   90.000
_cell.angle_beta   90.000
_cell.angle_gamma   90.000
#
_symmetry.space_group_name_H-M   'C 2 2 21'
#
loop_
_entity.id
_entity.type
_entity.pdbx_description
1 polymer 'Antigen-presenting glycoprotein CD1d1'
2 polymer Beta-2-microglobulin
3 polymer 'Chimeric T cell antigen receptor alpha chain Va14,Va24,Ja18'
4 polymer 'Chimeric T cell antigen receptor beta chain Vb8.2, vb11'
5 branched alpha-D-mannopyranose-(1-3)-beta-D-mannopyranose-(1-4)-2-acetamido-2-deoxy-beta-D-glucopyranose-(1-4)-[alpha-L-fucopyranose-(1-6)]2-acetamido-2-deoxy-beta-D-glucopyranose
6 non-polymer 2-acetamido-2-deoxy-beta-D-glucopyranose
7 non-polymer N-[(2S,3S,4R)-3,4-dihydroxy-8-oxo-8-[(6-phenylhexyl)amino]-1-{[(2S,3R,4S,5R,6R)-3,4,5-trihydroxy-6-(hydroxymethyl)tetrahydro-2H-pyran-2-yl]oxy}octan-2-yl]icosanamide
8 non-polymer 'SODIUM ION'
9 water water
#
loop_
_entity_poly.entity_id
_entity_poly.type
_entity_poly.pdbx_seq_one_letter_code
_entity_poly.pdbx_strand_id
1 'polypeptide(L)'
;SEAQQKNYTFRCLQMSSFANRSWSRTDSVVWLGDLQTHRWSNDSATISFTKPWSQGKLSNQQWEKLQHMFQVYRVSFTRD
IQELVKMMSPKEDYPIEIQLSAGCEMYPGNASESFLHVAFQGKYVVRFWGTSWQTVPGAPSWLDLPIKVLNADQGTSATV
QMLLNDTCPLFVRGLLEAGKSDLEKQEKPVAWLSSVPSSAHGHRQLVCHVSGFYPKPVWVMWMRGDQEQQGTHRGDFLPN
ADETWYLQATLDVEAGEEAGLACRVKHSSLGGQDIILYWHHHHHH
;
A
2 'polypeptide(L)'
;IQKTPQIQVYSRHPPENGKPNILNCYVTQFHPPHIEIQMLKNGKKIPKVEMSDMSFSKDWSFYILAHTEFTPTETDTYAC
RVKHASMAEPKTVYWDRDM
;
B
3 'polypeptide(L)'
;MKTQVEQSPQSLVVRQGENCVLQCNYSVTPDNHLRWFKQDTGKGLVSLTVLVDQKDKTSNGRYSATLDKDAKHSTLHITA
TLLDDTATYICVVGDRGSALGRLHFGAGTQLIVIPDIQNPDPAVYQLRDSKSSDKSVCLFTDFDSQTNVSQSKDSDVYIT
DKCVLDMRSMDFKSNSAVAWSNKSDFACANAFNNSIIPEDTFFPSPESS
;
C
4 'polypeptide(L)'
;MEAAVTQSPRNKVAVTGGKVTLSCNQTNNHNNMYWYRQDTGHGLRLIHYSYGAGSTEKGDIPDGYKASRPSQENFSLILE
LATPSQTSVYFCASGDEGYTQYFGPGTRLLVLEDLRNVTPPKVSLFEPSKAEISHTQKATLVCLATGFYPDHVELSWWVN
GKEVHSGVCTDPQPLKEQPALNDSRYSLSSRLRVSATFWQNPRNHFRCQVQFYGLSENDEWTQDRAKPVTQIVSAEAWGR
A
;
D
#
loop_
_chem_comp.id
_chem_comp.type
_chem_comp.name
_chem_comp.formula
BMA D-saccharide, beta linking beta-D-mannopyranose 'C6 H12 O6'
EMG non-polymer N-[(2S,3S,4R)-3,4-dihydroxy-8-oxo-8-[(6-phenylhexyl)amino]-1-{[(2S,3R,4S,5R,6R)-3,4,5-trihydroxy-6-(hydroxymethyl)tetrahydro-2H-pyran-2-yl]oxy}octan-2-yl]icosanamide 'C46 H82 N2 O10'
FUC L-saccharide, alpha linking alpha-L-fucopyranose 'C6 H12 O5'
MAN D-saccharide, alpha linking alpha-D-mannopyranose 'C6 H12 O6'
NA non-polymer 'SODIUM ION' 'Na 1'
NAG D-saccharide, beta linking 2-acetamido-2-deoxy-beta-D-glucopyranose 'C8 H15 N O6'
#
# COMPACT_ATOMS: atom_id res chain seq x y z
N ASN A 7 25.16 -8.79 -34.20
CA ASN A 7 25.36 -7.71 -33.18
C ASN A 7 24.05 -6.91 -32.90
N TYR A 8 23.13 -7.48 -32.11
CA TYR A 8 21.73 -7.01 -32.03
C TYR A 8 21.36 -6.39 -30.69
N THR A 9 20.44 -5.40 -30.74
CA THR A 9 19.91 -4.74 -29.57
C THR A 9 18.46 -5.17 -29.26
N PHE A 10 18.23 -5.58 -28.01
CA PHE A 10 16.92 -5.97 -27.49
C PHE A 10 16.31 -4.80 -26.73
N ARG A 11 15.15 -4.32 -27.17
CA ARG A 11 14.49 -3.16 -26.57
C ARG A 11 13.10 -3.48 -26.10
N CYS A 12 12.82 -3.27 -24.82
CA CYS A 12 11.44 -3.26 -24.31
C CYS A 12 11.06 -1.82 -24.16
N LEU A 13 10.07 -1.39 -24.91
CA LEU A 13 9.64 -0.01 -24.90
C LEU A 13 8.28 0.05 -24.23
N GLN A 14 8.15 0.90 -23.20
CA GLN A 14 6.89 1.10 -22.51
C GLN A 14 6.47 2.58 -22.60
N MET A 15 5.17 2.82 -22.80
CA MET A 15 4.57 4.16 -22.78
C MET A 15 3.41 4.11 -21.83
N SER A 16 3.34 5.09 -20.94
CA SER A 16 2.22 5.18 -20.05
C SER A 16 1.71 6.59 -20.01
N SER A 17 0.39 6.76 -20.21
CA SER A 17 -0.26 8.07 -20.14
C SER A 17 -1.16 8.10 -18.92
N PHE A 18 -0.96 9.10 -18.06
CA PHE A 18 -1.85 9.35 -16.93
C PHE A 18 -2.54 10.67 -17.22
N ALA A 19 -3.84 10.63 -17.55
CA ALA A 19 -4.59 11.81 -18.00
C ALA A 19 -5.06 12.69 -16.86
N ASN A 20 -5.54 12.04 -15.80
CA ASN A 20 -5.89 12.69 -14.53
C ASN A 20 -5.64 11.63 -13.44
N ARG A 21 -6.10 11.84 -12.20
CA ARG A 21 -5.81 10.90 -11.11
C ARG A 21 -6.54 9.55 -11.16
N SER A 22 -7.50 9.38 -12.07
CA SER A 22 -8.29 8.14 -12.16
C SER A 22 -8.45 7.62 -13.61
N TRP A 23 -7.39 7.76 -14.41
CA TRP A 23 -7.38 7.28 -15.80
C TRP A 23 -5.95 7.16 -16.24
N SER A 24 -5.56 5.95 -16.62
CA SER A 24 -4.24 5.75 -17.16
C SER A 24 -4.23 4.53 -18.07
N ARG A 25 -3.17 4.40 -18.82
CA ARG A 25 -2.93 3.20 -19.58
C ARG A 25 -1.44 3.00 -19.75
N THR A 26 -1.03 1.74 -19.85
CA THR A 26 0.35 1.37 -20.11
C THR A 26 0.36 0.39 -21.26
N ASP A 27 1.18 0.65 -22.28
CA ASP A 27 1.30 -0.23 -23.47
C ASP A 27 2.76 -0.47 -23.78
N SER A 28 3.10 -1.70 -24.17
CA SER A 28 4.50 -2.08 -24.46
C SER A 28 4.63 -2.74 -25.81
N VAL A 29 5.80 -2.61 -26.42
CA VAL A 29 6.19 -3.45 -27.54
C VAL A 29 7.67 -3.75 -27.32
N VAL A 30 8.12 -4.88 -27.87
CA VAL A 30 9.49 -5.34 -27.71
C VAL A 30 10.09 -5.56 -29.09
N TRP A 31 11.34 -5.13 -29.26
CA TRP A 31 12.07 -5.25 -30.53
C TRP A 31 13.37 -6.01 -30.34
N LEU A 32 13.74 -6.82 -31.33
CA LEU A 32 15.04 -7.46 -31.39
C LEU A 32 15.62 -7.06 -32.73
N GLY A 33 16.50 -6.06 -32.71
CA GLY A 33 16.89 -5.34 -33.92
C GLY A 33 15.72 -4.50 -34.38
N ASP A 34 15.34 -4.65 -35.65
CA ASP A 34 14.15 -3.97 -36.18
C ASP A 34 12.90 -4.88 -36.36
N LEU A 35 12.88 -6.07 -35.73
CA LEU A 35 11.74 -7.02 -35.74
C LEU A 35 10.98 -7.06 -34.41
N GLN A 36 9.64 -6.94 -34.44
CA GLN A 36 8.84 -6.94 -33.21
C GLN A 36 8.69 -8.35 -32.69
N THR A 37 9.06 -8.60 -31.43
CA THR A 37 8.90 -9.93 -30.79
C THR A 37 7.74 -10.03 -29.82
N HIS A 38 7.31 -8.93 -29.21
CA HIS A 38 6.19 -8.98 -28.27
C HIS A 38 5.32 -7.74 -28.36
N ARG A 39 4.14 -7.85 -27.78
CA ARG A 39 3.18 -6.77 -27.69
C ARG A 39 2.51 -6.98 -26.34
N TRP A 40 2.14 -5.90 -25.66
CA TRP A 40 1.32 -6.01 -24.44
C TRP A 40 0.52 -4.77 -24.27
N SER A 41 -0.73 -4.79 -24.74
CA SER A 41 -1.58 -3.62 -24.66
C SER A 41 -2.23 -3.54 -23.28
N ASN A 42 -2.69 -2.36 -22.90
CA ASN A 42 -3.44 -2.17 -21.65
C ASN A 42 -4.63 -3.13 -21.49
N ASP A 43 -5.32 -3.41 -22.59
CA ASP A 43 -6.54 -4.26 -22.61
C ASP A 43 -6.27 -5.71 -22.23
N SER A 44 -5.09 -6.21 -22.60
CA SER A 44 -4.72 -7.60 -22.39
C SER A 44 -4.14 -7.86 -21.01
N ALA A 45 -4.51 -8.98 -20.40
CA ALA A 45 -3.90 -9.41 -19.13
C ALA A 45 -2.52 -10.08 -19.31
N THR A 46 -2.22 -10.49 -20.54
CA THR A 46 -1.00 -11.24 -20.83
C THR A 46 -0.21 -10.59 -21.98
N ILE A 47 1.07 -10.90 -22.03
CA ILE A 47 1.96 -10.43 -23.08
C ILE A 47 1.77 -11.35 -24.27
N SER A 48 1.49 -10.77 -25.43
CA SER A 48 1.36 -11.53 -26.67
C SER A 48 2.69 -11.68 -27.40
N PHE A 49 2.97 -12.89 -27.88
CA PHE A 49 4.03 -13.13 -28.84
C PHE A 49 3.58 -12.62 -30.20
N THR A 50 4.50 -11.98 -30.93
CA THR A 50 4.26 -11.57 -32.31
C THR A 50 5.10 -12.38 -33.30
N LYS A 51 5.86 -13.35 -32.80
CA LYS A 51 6.57 -14.30 -33.66
C LYS A 51 6.43 -15.68 -33.05
N PRO A 52 6.60 -16.73 -33.88
CA PRO A 52 6.63 -18.11 -33.35
C PRO A 52 7.69 -18.34 -32.27
N TRP A 53 8.82 -17.64 -32.39
CA TRP A 53 10.02 -17.87 -31.55
C TRP A 53 10.15 -16.87 -30.39
N SER A 54 9.09 -16.13 -30.07
CA SER A 54 9.16 -15.05 -29.06
C SER A 54 9.41 -15.52 -27.62
N GLN A 55 9.08 -16.78 -27.30
CA GLN A 55 9.45 -17.36 -26.00
C GLN A 55 10.94 -17.74 -25.92
N GLY A 56 11.66 -17.72 -27.04
CA GLY A 56 13.10 -17.98 -27.05
C GLY A 56 13.37 -19.41 -26.62
N LYS A 57 14.36 -19.61 -25.75
CA LYS A 57 14.67 -20.93 -25.19
C LYS A 57 14.09 -21.11 -23.77
N LEU A 58 13.20 -20.22 -23.34
CA LEU A 58 12.57 -20.39 -22.02
C LEU A 58 11.58 -21.56 -22.02
N SER A 59 11.55 -22.32 -20.93
CA SER A 59 10.47 -23.31 -20.75
C SER A 59 9.16 -22.60 -20.47
N ASN A 60 8.06 -23.34 -20.52
CA ASN A 60 6.74 -22.76 -20.25
C ASN A 60 6.60 -22.27 -18.81
N GLN A 61 7.19 -22.98 -17.86
CA GLN A 61 7.11 -22.58 -16.46
C GLN A 61 7.90 -21.28 -16.23
N GLN A 62 9.12 -21.24 -16.78
CA GLN A 62 9.96 -20.03 -16.77
C GLN A 62 9.27 -18.81 -17.36
N TRP A 63 8.61 -18.99 -18.52
CA TRP A 63 7.84 -17.92 -19.12
C TRP A 63 6.66 -17.46 -18.23
N GLU A 64 5.92 -18.40 -17.65
CA GLU A 64 4.76 -18.07 -16.79
C GLU A 64 5.16 -17.23 -15.60
N LYS A 65 6.27 -17.62 -14.97
CA LYS A 65 6.82 -16.97 -13.79
C LYS A 65 7.28 -15.55 -14.11
N LEU A 66 7.87 -15.39 -15.30
CA LEU A 66 8.38 -14.11 -15.78
C LEU A 66 7.25 -13.18 -16.19
N GLN A 67 6.26 -13.72 -16.92
CA GLN A 67 5.05 -12.97 -17.24
C GLN A 67 4.32 -12.55 -15.98
N HIS A 68 4.27 -13.44 -14.98
CA HIS A 68 3.57 -13.12 -13.74
C HIS A 68 4.20 -11.90 -13.04
N MET A 69 5.52 -11.83 -13.04
CA MET A 69 6.22 -10.73 -12.42
C MET A 69 5.89 -9.40 -13.13
N PHE A 70 5.91 -9.40 -14.46
CA PHE A 70 5.51 -8.24 -15.23
C PHE A 70 4.07 -7.81 -14.97
N GLN A 71 3.17 -8.77 -14.76
CA GLN A 71 1.77 -8.46 -14.45
C GLN A 71 1.64 -7.71 -13.14
N VAL A 72 2.41 -8.13 -12.15
CA VAL A 72 2.50 -7.44 -10.87
C VAL A 72 3.11 -6.06 -11.06
N TYR A 73 4.20 -5.99 -11.82
CA TYR A 73 4.86 -4.72 -12.12
C TYR A 73 3.90 -3.68 -12.71
N ARG A 74 3.17 -4.06 -13.75
CA ARG A 74 2.31 -3.12 -14.45
C ARG A 74 1.29 -2.44 -13.53
N VAL A 75 0.66 -3.24 -12.65
CA VAL A 75 -0.30 -2.74 -11.68
C VAL A 75 0.40 -1.90 -10.60
N SER A 76 1.55 -2.36 -10.14
CA SER A 76 2.31 -1.69 -9.12
C SER A 76 2.90 -0.39 -9.63
N PHE A 77 3.45 -0.43 -10.84
CA PHE A 77 3.91 0.76 -11.56
C PHE A 77 2.83 1.84 -11.61
N THR A 78 1.62 1.48 -12.02
CA THR A 78 0.53 2.45 -12.18
C THR A 78 0.19 3.16 -10.88
N ARG A 79 0.10 2.39 -9.81
CA ARG A 79 -0.28 2.95 -8.51
C ARG A 79 0.85 3.79 -7.94
N ASP A 80 2.09 3.37 -8.18
CA ASP A 80 3.26 4.12 -7.70
C ASP A 80 3.41 5.52 -8.35
N ILE A 81 3.24 5.61 -9.66
CA ILE A 81 3.25 6.90 -10.36
C ILE A 81 2.18 7.82 -9.75
N GLN A 82 0.95 7.31 -9.63
CA GLN A 82 -0.18 8.06 -9.07
C GLN A 82 0.14 8.58 -7.66
N GLU A 83 0.82 7.74 -6.91
CA GLU A 83 1.15 8.03 -5.53
C GLU A 83 2.35 8.96 -5.44
N LEU A 84 3.28 8.87 -6.39
CA LEU A 84 4.39 9.82 -6.50
C LEU A 84 3.92 11.24 -6.89
N VAL A 85 2.94 11.32 -7.79
CA VAL A 85 2.32 12.58 -8.18
C VAL A 85 1.67 13.28 -6.99
N LYS A 86 1.06 12.51 -6.09
CA LYS A 86 0.54 13.07 -4.83
C LYS A 86 1.61 13.62 -3.88
N MET A 87 2.78 13.01 -3.91
CA MET A 87 3.89 13.40 -3.06
C MET A 87 4.53 14.71 -3.54
N MET A 88 4.56 14.93 -4.86
CA MET A 88 5.12 16.16 -5.43
C MET A 88 4.14 17.34 -5.44
N SER A 89 2.85 17.07 -5.64
CA SER A 89 1.83 18.12 -5.89
C SER A 89 1.79 19.20 -4.77
N PRO A 90 1.46 20.46 -5.11
CA PRO A 90 1.03 20.89 -6.46
C PRO A 90 2.13 21.10 -7.52
N LYS A 91 3.39 20.76 -7.20
CA LYS A 91 4.52 20.96 -8.12
C LYS A 91 4.31 20.36 -9.51
N GLU A 92 4.08 19.04 -9.60
CA GLU A 92 3.77 18.38 -10.88
C GLU A 92 2.34 17.91 -10.89
N ASP A 93 1.78 17.81 -12.09
CA ASP A 93 0.35 17.62 -12.30
C ASP A 93 0.09 16.89 -13.63
N TYR A 94 -1.04 16.20 -13.71
CA TYR A 94 -1.48 15.50 -14.93
C TYR A 94 -1.82 16.54 -16.02
N PRO A 95 -1.73 16.24 -17.32
CA PRO A 95 -1.36 14.93 -17.88
C PRO A 95 0.13 14.57 -17.76
N ILE A 96 0.42 13.30 -17.53
CA ILE A 96 1.79 12.82 -17.44
C ILE A 96 1.97 11.68 -18.43
N GLU A 97 3.11 11.71 -19.11
CA GLU A 97 3.55 10.62 -19.97
C GLU A 97 4.88 10.11 -19.42
N ILE A 98 4.94 8.82 -19.14
CA ILE A 98 6.20 8.17 -18.75
C ILE A 98 6.55 7.14 -19.81
N GLN A 99 7.83 7.11 -20.18
CA GLN A 99 8.35 6.15 -21.13
C GLN A 99 9.52 5.40 -20.49
N LEU A 100 9.58 4.08 -20.71
CA LEU A 100 10.75 3.27 -20.35
C LEU A 100 11.35 2.66 -21.57
N SER A 101 12.67 2.64 -21.63
CA SER A 101 13.37 1.92 -22.66
C SER A 101 14.39 1.04 -21.95
N ALA A 102 14.19 -0.29 -22.01
CA ALA A 102 15.06 -1.23 -21.31
C ALA A 102 15.46 -2.41 -22.18
N GLY A 103 16.53 -3.10 -21.76
CA GLY A 103 16.96 -4.32 -22.43
C GLY A 103 18.46 -4.40 -22.46
N CYS A 104 19.01 -4.92 -23.54
CA CYS A 104 20.46 -5.08 -23.63
C CYS A 104 20.92 -5.22 -25.05
N GLU A 105 22.17 -4.79 -25.26
CA GLU A 105 22.85 -4.91 -26.54
C GLU A 105 23.76 -6.12 -26.42
N MET A 106 23.80 -6.96 -27.45
CA MET A 106 24.54 -8.23 -27.43
C MET A 106 25.75 -8.23 -28.36
N TYR A 107 26.92 -8.51 -27.79
CA TYR A 107 28.20 -8.59 -28.51
C TYR A 107 28.70 -10.04 -28.56
N PRO A 108 29.69 -10.33 -29.44
CA PRO A 108 30.32 -11.68 -29.44
C PRO A 108 31.08 -11.99 -28.15
N GLY A 109 31.51 -13.25 -28.03
CA GLY A 109 31.96 -13.79 -26.76
C GLY A 109 30.75 -14.01 -25.88
N ASN A 110 30.88 -13.65 -24.60
CA ASN A 110 29.77 -13.73 -23.64
C ASN A 110 29.39 -12.32 -23.15
N ALA A 111 29.55 -11.32 -24.03
CA ALA A 111 29.49 -9.91 -23.64
C ALA A 111 28.12 -9.28 -23.92
N SER A 112 27.69 -8.40 -23.01
CA SER A 112 26.46 -7.62 -23.15
C SER A 112 26.42 -6.47 -22.15
N GLU A 113 25.84 -5.35 -22.55
CA GLU A 113 25.51 -4.25 -21.67
C GLU A 113 23.99 -4.15 -21.57
N SER A 114 23.46 -4.05 -20.36
CA SER A 114 22.03 -3.83 -20.16
C SER A 114 21.75 -2.38 -19.77
N PHE A 115 20.55 -1.91 -20.03
CA PHE A 115 20.18 -0.51 -19.76
C PHE A 115 18.73 -0.42 -19.35
N LEU A 116 18.41 0.66 -18.67
CA LEU A 116 17.04 0.93 -18.27
C LEU A 116 16.96 2.44 -18.11
N HIS A 117 16.33 3.08 -19.09
CA HIS A 117 16.26 4.52 -19.19
C HIS A 117 14.81 4.92 -19.06
N VAL A 118 14.55 5.99 -18.31
CA VAL A 118 13.19 6.46 -18.06
C VAL A 118 13.04 7.89 -18.53
N ALA A 119 11.97 8.18 -19.26
CA ALA A 119 11.68 9.54 -19.68
C ALA A 119 10.38 10.05 -19.08
N PHE A 120 10.34 11.35 -18.81
CA PHE A 120 9.19 12.04 -18.22
C PHE A 120 8.87 13.23 -19.13
N GLN A 121 7.62 13.30 -19.58
CA GLN A 121 7.19 14.30 -20.58
C GLN A 121 8.13 14.45 -21.78
N GLY A 122 8.67 13.33 -22.28
CA GLY A 122 9.48 13.29 -23.50
C GLY A 122 10.97 13.48 -23.26
N LYS A 123 11.38 13.64 -22.00
CA LYS A 123 12.76 13.95 -21.65
C LYS A 123 13.35 12.86 -20.78
N TYR A 124 14.55 12.43 -21.14
CA TYR A 124 15.27 11.38 -20.41
C TYR A 124 15.76 11.95 -19.09
N VAL A 125 15.18 11.50 -17.97
CA VAL A 125 15.50 12.03 -16.63
C VAL A 125 16.13 11.03 -15.67
N VAL A 126 15.87 9.73 -15.84
CA VAL A 126 16.24 8.72 -14.86
C VAL A 126 16.71 7.43 -15.52
N ARG A 127 17.70 6.78 -14.92
CA ARG A 127 18.10 5.44 -15.30
C ARG A 127 18.28 4.56 -14.08
N PHE A 128 18.32 3.25 -14.31
CA PHE A 128 18.78 2.32 -13.30
C PHE A 128 20.21 2.01 -13.64
N TRP A 129 21.08 2.17 -12.65
CA TRP A 129 22.51 2.01 -12.85
C TRP A 129 23.14 1.42 -11.61
N GLY A 130 23.85 0.31 -11.79
CA GLY A 130 24.58 -0.33 -10.73
C GLY A 130 23.64 -1.10 -9.85
N THR A 131 23.32 -0.53 -8.69
CA THR A 131 22.37 -1.12 -7.75
C THR A 131 21.25 -0.15 -7.36
N SER A 132 21.08 0.94 -8.12
CA SER A 132 20.08 1.95 -7.75
C SER A 132 19.57 2.78 -8.92
N TRP A 133 18.47 3.49 -8.66
CA TRP A 133 18.00 4.51 -9.56
C TRP A 133 18.81 5.78 -9.31
N GLN A 134 19.08 6.52 -10.37
CA GLN A 134 19.64 7.85 -10.28
C GLN A 134 19.12 8.76 -11.38
N THR A 135 19.03 10.07 -11.09
CA THR A 135 18.77 11.05 -12.14
C THR A 135 20.03 11.21 -13.00
N VAL A 136 19.84 11.68 -14.21
CA VAL A 136 20.93 11.92 -15.16
C VAL A 136 21.12 13.42 -15.33
N PRO A 137 22.21 13.84 -16.02
CA PRO A 137 22.42 15.28 -16.23
C PRO A 137 21.26 16.00 -16.95
N GLY A 138 20.85 17.12 -16.36
CA GLY A 138 19.75 17.93 -16.89
C GLY A 138 18.43 17.75 -16.19
N ALA A 139 18.36 16.81 -15.25
CA ALA A 139 17.11 16.39 -14.67
C ALA A 139 16.74 17.39 -13.64
N PRO A 140 15.43 17.68 -13.49
CA PRO A 140 15.02 18.55 -12.38
C PRO A 140 15.42 17.96 -11.02
N SER A 141 15.84 18.82 -10.09
CA SER A 141 16.27 18.38 -8.78
C SER A 141 15.12 17.87 -7.88
N TRP A 142 13.87 18.16 -8.24
CA TRP A 142 12.69 17.66 -7.48
C TRP A 142 12.52 16.14 -7.54
N LEU A 143 12.99 15.54 -8.64
CA LEU A 143 13.10 14.10 -8.81
C LEU A 143 13.95 13.39 -7.76
N ASP A 144 14.80 14.11 -7.05
CA ASP A 144 15.51 13.55 -5.88
C ASP A 144 14.59 12.98 -4.79
N LEU A 145 13.38 13.51 -4.61
CA LEU A 145 12.47 12.89 -3.62
C LEU A 145 11.92 11.55 -4.11
N PRO A 146 11.35 11.49 -5.32
CA PRO A 146 11.02 10.20 -5.94
C PRO A 146 12.17 9.17 -5.96
N ILE A 147 13.37 9.59 -6.37
CA ILE A 147 14.54 8.69 -6.43
C ILE A 147 14.87 8.12 -5.04
N LYS A 148 14.82 8.98 -4.03
CA LYS A 148 15.06 8.55 -2.65
C LYS A 148 14.02 7.51 -2.19
N VAL A 149 12.76 7.72 -2.57
CA VAL A 149 11.67 6.81 -2.26
C VAL A 149 11.80 5.48 -3.00
N LEU A 150 12.06 5.55 -4.31
CA LEU A 150 12.28 4.33 -5.10
C LEU A 150 13.46 3.52 -4.61
N ASN A 151 14.56 4.17 -4.23
CA ASN A 151 15.76 3.45 -3.78
C ASN A 151 15.64 2.84 -2.38
N ALA A 152 14.61 3.21 -1.62
CA ALA A 152 14.30 2.55 -0.35
C ALA A 152 13.82 1.11 -0.55
N ASP A 153 13.13 0.85 -1.66
CA ASP A 153 12.60 -0.47 -2.02
C ASP A 153 13.72 -1.46 -2.45
N GLN A 154 14.24 -2.21 -1.49
CA GLN A 154 15.36 -3.12 -1.74
C GLN A 154 14.97 -4.32 -2.61
N GLY A 155 13.72 -4.77 -2.48
CA GLY A 155 13.20 -5.91 -3.23
C GLY A 155 13.07 -5.62 -4.72
N THR A 156 12.66 -4.40 -5.04
CA THR A 156 12.62 -3.94 -6.44
C THR A 156 14.02 -3.84 -6.99
N SER A 157 14.95 -3.33 -6.17
CA SER A 157 16.35 -3.20 -6.58
C SER A 157 16.99 -4.54 -6.95
N ALA A 158 16.87 -5.52 -6.06
CA ALA A 158 17.40 -6.87 -6.28
C ALA A 158 16.82 -7.52 -7.54
N THR A 159 15.50 -7.34 -7.73
CA THR A 159 14.76 -7.87 -8.88
C THR A 159 15.24 -7.25 -10.19
N VAL A 160 15.35 -5.92 -10.23
CA VAL A 160 15.80 -5.20 -11.43
C VAL A 160 17.25 -5.55 -11.75
N GLN A 161 18.11 -5.61 -10.73
CA GLN A 161 19.51 -6.05 -10.93
C GLN A 161 19.58 -7.42 -11.62
N MET A 162 18.77 -8.37 -11.15
CA MET A 162 18.73 -9.71 -11.74
C MET A 162 18.13 -9.70 -13.13
N LEU A 163 17.14 -8.84 -13.37
CA LEU A 163 16.58 -8.68 -14.72
C LEU A 163 17.62 -8.18 -15.70
N LEU A 164 18.38 -7.16 -15.30
CA LEU A 164 19.32 -6.52 -16.19
C LEU A 164 20.63 -7.29 -16.33
N ASN A 165 21.17 -7.78 -15.22
CA ASN A 165 22.48 -8.46 -15.26
C ASN A 165 22.41 -9.87 -15.84
N ASP A 166 21.34 -10.59 -15.54
CA ASP A 166 21.28 -12.03 -15.79
C ASP A 166 20.15 -12.44 -16.71
N THR A 167 18.92 -12.18 -16.30
CA THR A 167 17.74 -12.71 -17.01
C THR A 167 17.66 -12.22 -18.44
N CYS A 168 17.96 -10.94 -18.67
CA CYS A 168 17.84 -10.35 -20.01
C CYS A 168 18.87 -10.91 -21.01
N PRO A 169 20.18 -10.87 -20.70
CA PRO A 169 21.11 -11.46 -21.68
C PRO A 169 20.85 -12.95 -21.96
N LEU A 170 20.61 -13.74 -20.92
CA LEU A 170 20.23 -15.14 -21.07
C LEU A 170 19.12 -15.32 -22.11
N PHE A 171 18.01 -14.61 -21.87
CA PHE A 171 16.82 -14.69 -22.70
C PHE A 171 17.07 -14.31 -24.14
N VAL A 172 17.86 -13.26 -24.34
CA VAL A 172 18.16 -12.77 -25.68
C VAL A 172 19.08 -13.75 -26.41
N ARG A 173 20.05 -14.36 -25.71
CA ARG A 173 20.88 -15.39 -26.34
C ARG A 173 20.02 -16.53 -26.86
N GLY A 174 18.96 -16.87 -26.13
CA GLY A 174 17.99 -17.84 -26.59
C GLY A 174 17.10 -17.38 -27.72
N LEU A 175 16.73 -16.10 -27.73
CA LEU A 175 15.92 -15.54 -28.83
C LEU A 175 16.64 -15.58 -30.16
N LEU A 176 17.94 -15.23 -30.13
CA LEU A 176 18.75 -15.17 -31.35
C LEU A 176 18.88 -16.54 -31.99
N GLU A 177 19.11 -17.57 -31.15
CA GLU A 177 19.15 -18.97 -31.63
C GLU A 177 17.81 -19.36 -32.26
N ALA A 178 16.71 -19.14 -31.52
CA ALA A 178 15.38 -19.53 -31.98
C ALA A 178 14.85 -18.73 -33.17
N GLY A 179 15.21 -17.45 -33.25
CA GLY A 179 14.74 -16.59 -34.34
C GLY A 179 15.72 -16.39 -35.47
N LYS A 180 16.79 -17.19 -35.51
CA LYS A 180 17.87 -17.07 -36.51
C LYS A 180 17.38 -16.91 -37.95
N SER A 181 16.35 -17.67 -38.33
CA SER A 181 15.82 -17.65 -39.71
C SER A 181 15.12 -16.36 -40.10
N ASP A 182 14.28 -15.82 -39.22
CA ASP A 182 13.66 -14.51 -39.50
C ASP A 182 14.70 -13.40 -39.45
N LEU A 183 15.67 -13.50 -38.55
CA LEU A 183 16.65 -12.42 -38.39
C LEU A 183 17.61 -12.36 -39.57
N GLU A 184 17.87 -13.51 -40.21
CA GLU A 184 18.78 -13.59 -41.35
C GLU A 184 18.07 -13.64 -42.70
N LYS A 185 16.76 -13.38 -42.74
CA LYS A 185 16.03 -13.40 -44.01
C LYS A 185 16.56 -12.35 -44.98
N GLN A 186 16.40 -12.63 -46.26
CA GLN A 186 16.78 -11.72 -47.34
C GLN A 186 15.57 -11.55 -48.28
N GLU A 187 15.09 -10.31 -48.41
CA GLU A 187 13.94 -9.97 -49.28
C GLU A 187 14.41 -8.96 -50.32
N LYS A 188 14.04 -9.18 -51.58
CA LYS A 188 14.54 -8.35 -52.66
C LYS A 188 13.82 -7.00 -52.78
N PRO A 189 14.58 -5.91 -52.99
CA PRO A 189 13.95 -4.64 -53.31
C PRO A 189 13.43 -4.65 -54.75
N VAL A 190 12.28 -4.03 -54.95
CA VAL A 190 11.75 -3.82 -56.29
C VAL A 190 11.65 -2.32 -56.40
N ALA A 191 12.17 -1.77 -57.49
CA ALA A 191 12.25 -0.33 -57.65
C ALA A 191 11.40 0.17 -58.81
N TRP A 192 11.11 1.47 -58.79
CA TRP A 192 10.37 2.12 -59.87
C TRP A 192 10.64 3.63 -59.88
N LEU A 193 10.49 4.25 -61.05
CA LEU A 193 10.83 5.68 -61.22
C LEU A 193 9.60 6.56 -61.35
N SER A 194 9.80 7.86 -61.13
CA SER A 194 8.74 8.89 -61.26
C SER A 194 9.36 10.28 -61.13
N SER A 195 8.58 11.34 -61.41
CA SER A 195 9.09 12.72 -61.42
C SER A 195 8.08 13.76 -60.96
N VAL A 196 8.60 14.91 -60.52
CA VAL A 196 7.77 16.08 -60.15
C VAL A 196 8.51 17.38 -60.43
N ARG A 204 12.82 20.34 -62.15
CA ARG A 204 12.36 18.95 -62.13
C ARG A 204 13.04 18.13 -61.03
N GLN A 205 12.27 17.29 -60.35
CA GLN A 205 12.79 16.36 -59.33
C GLN A 205 12.41 14.93 -59.71
N LEU A 206 13.43 14.12 -60.02
CA LEU A 206 13.25 12.68 -60.29
C LEU A 206 13.22 11.93 -58.96
N VAL A 207 12.64 10.72 -58.98
CA VAL A 207 12.42 9.95 -57.74
C VAL A 207 12.62 8.47 -58.05
N CYS A 208 13.52 7.84 -57.29
CA CYS A 208 13.77 6.41 -57.38
C CYS A 208 13.23 5.69 -56.13
N HIS A 209 12.09 5.01 -56.27
CA HIS A 209 11.42 4.34 -55.16
C HIS A 209 12.05 2.96 -55.03
N VAL A 210 12.39 2.56 -53.82
CA VAL A 210 12.92 1.21 -53.56
C VAL A 210 12.10 0.65 -52.38
N SER A 211 11.47 -0.51 -52.58
CA SER A 211 10.55 -1.08 -51.58
C SER A 211 10.61 -2.60 -51.55
N GLY A 212 10.37 -3.17 -50.36
CA GLY A 212 10.30 -4.63 -50.16
C GLY A 212 11.56 -5.32 -49.63
N PHE A 213 12.63 -4.57 -49.38
CA PHE A 213 13.95 -5.15 -48.99
C PHE A 213 14.14 -5.35 -47.49
N TYR A 214 15.00 -6.32 -47.17
CA TYR A 214 15.38 -6.64 -45.81
C TYR A 214 16.69 -7.46 -45.88
N PRO A 215 17.70 -7.19 -45.02
CA PRO A 215 17.68 -6.20 -43.92
C PRO A 215 17.79 -4.75 -44.38
N LYS A 216 17.92 -3.83 -43.41
CA LYS A 216 17.88 -2.40 -43.67
C LYS A 216 19.02 -1.83 -44.54
N PRO A 217 20.24 -2.38 -44.48
CA PRO A 217 21.32 -1.75 -45.28
C PRO A 217 21.09 -1.85 -46.79
N VAL A 218 21.08 -0.69 -47.45
CA VAL A 218 20.87 -0.56 -48.90
C VAL A 218 21.66 0.62 -49.46
N TRP A 219 22.05 0.51 -50.73
CA TRP A 219 22.74 1.58 -51.44
C TRP A 219 21.93 1.97 -52.68
N VAL A 220 21.61 3.26 -52.79
CA VAL A 220 20.78 3.78 -53.89
C VAL A 220 21.38 5.08 -54.40
N MET A 221 21.77 5.10 -55.68
CA MET A 221 22.32 6.30 -56.35
C MET A 221 21.75 6.46 -57.75
N TRP A 222 21.67 7.71 -58.21
CA TRP A 222 21.44 8.01 -59.63
C TRP A 222 22.76 7.96 -60.42
N MET A 223 22.67 7.54 -61.68
CA MET A 223 23.82 7.30 -62.56
C MET A 223 23.57 7.77 -63.99
N ARG A 224 24.45 8.62 -64.51
CA ARG A 224 24.63 8.72 -65.97
C ARG A 224 25.82 7.82 -66.31
N GLY A 225 25.50 6.59 -66.72
CA GLY A 225 26.49 5.55 -67.01
C GLY A 225 27.23 5.08 -65.75
N ASP A 226 28.50 5.47 -65.65
CA ASP A 226 29.40 5.06 -64.56
C ASP A 226 29.81 6.27 -63.70
N GLN A 227 28.90 7.22 -63.52
CA GLN A 227 29.23 8.46 -62.79
C GLN A 227 28.14 8.77 -61.76
N GLU A 228 28.47 8.53 -60.50
CA GLU A 228 27.54 8.73 -59.38
C GLU A 228 27.13 10.20 -59.27
N GLN A 229 25.89 10.53 -59.64
CA GLN A 229 25.39 11.89 -59.50
C GLN A 229 25.36 12.28 -58.03
N GLN A 230 26.33 13.11 -57.63
CA GLN A 230 26.50 13.49 -56.22
C GLN A 230 25.33 14.31 -55.67
N GLY A 231 24.50 14.87 -56.55
CA GLY A 231 23.27 15.55 -56.13
C GLY A 231 22.14 14.69 -55.55
N THR A 232 22.22 13.36 -55.69
CA THR A 232 21.29 12.39 -55.07
C THR A 232 21.04 12.63 -53.56
N HIS A 233 19.77 12.85 -53.19
CA HIS A 233 19.34 12.97 -51.78
C HIS A 233 18.58 11.71 -51.37
N ARG A 234 19.05 11.02 -50.32
CA ARG A 234 18.33 9.88 -49.74
C ARG A 234 17.31 10.39 -48.73
N GLY A 235 16.13 9.79 -48.73
CA GLY A 235 15.13 10.03 -47.69
C GLY A 235 15.34 9.08 -46.53
N ASP A 236 14.42 9.13 -45.56
CA ASP A 236 14.51 8.22 -44.41
C ASP A 236 14.07 6.82 -44.83
N PHE A 237 14.53 5.83 -44.09
CA PHE A 237 14.01 4.48 -44.20
C PHE A 237 12.61 4.47 -43.57
N LEU A 238 11.61 4.09 -44.38
CA LEU A 238 10.21 4.05 -43.98
C LEU A 238 9.77 2.59 -43.97
N PRO A 239 9.00 2.18 -42.94
CA PRO A 239 8.60 0.77 -42.82
C PRO A 239 7.43 0.38 -43.74
N ASN A 240 7.42 -0.89 -44.18
CA ASN A 240 6.24 -1.54 -44.75
C ASN A 240 5.61 -2.43 -43.67
N ALA A 241 4.31 -2.72 -43.82
CA ALA A 241 3.55 -3.54 -42.85
C ALA A 241 4.08 -4.95 -42.66
N ASP A 242 4.72 -5.50 -43.69
CA ASP A 242 5.25 -6.87 -43.68
C ASP A 242 6.72 -6.94 -43.23
N GLU A 243 7.19 -5.97 -42.45
CA GLU A 243 8.56 -6.01 -41.88
C GLU A 243 9.65 -6.07 -42.96
N THR A 244 9.46 -5.24 -43.99
CA THR A 244 10.47 -4.93 -44.98
C THR A 244 10.48 -3.42 -45.04
N TRP A 245 11.42 -2.85 -45.78
CA TRP A 245 11.67 -1.41 -45.76
C TRP A 245 11.39 -0.71 -47.10
N TYR A 246 11.20 0.60 -47.01
CA TYR A 246 10.94 1.47 -48.14
C TYR A 246 11.88 2.66 -48.03
N LEU A 247 12.44 3.09 -49.15
CA LEU A 247 13.31 4.26 -49.21
C LEU A 247 13.21 4.89 -50.59
N GLN A 248 13.31 6.22 -50.66
CA GLN A 248 13.40 6.90 -51.95
C GLN A 248 14.56 7.88 -52.07
N ALA A 249 15.25 7.81 -53.22
CA ALA A 249 16.37 8.68 -53.57
C ALA A 249 15.94 9.65 -54.66
N THR A 250 15.97 10.96 -54.35
CA THR A 250 15.56 12.01 -55.30
C THR A 250 16.79 12.72 -55.91
N LEU A 251 16.68 13.10 -57.19
CA LEU A 251 17.71 13.94 -57.86
C LEU A 251 17.04 15.15 -58.49
N ASP A 252 17.63 16.33 -58.29
CA ASP A 252 17.14 17.55 -58.94
C ASP A 252 17.83 17.68 -60.29
N VAL A 253 17.08 18.09 -61.32
CA VAL A 253 17.57 18.10 -62.70
C VAL A 253 16.83 19.13 -63.59
N GLU A 254 17.46 19.54 -64.69
CA GLU A 254 16.84 20.44 -65.66
C GLU A 254 16.11 19.63 -66.73
N ALA A 255 14.89 20.07 -67.07
CA ALA A 255 14.07 19.45 -68.13
C ALA A 255 14.85 19.44 -69.45
N GLY A 256 14.84 18.30 -70.14
CA GLY A 256 15.71 18.07 -71.30
C GLY A 256 16.89 17.16 -71.01
N GLU A 257 17.44 17.25 -69.78
CA GLU A 257 18.59 16.45 -69.38
C GLU A 257 18.23 15.22 -68.51
N GLU A 258 17.00 14.72 -68.65
CA GLU A 258 16.59 13.45 -68.04
C GLU A 258 17.02 12.25 -68.89
N ALA A 259 17.42 12.50 -70.13
CA ALA A 259 17.98 11.46 -71.00
C ALA A 259 19.30 10.95 -70.42
N GLY A 260 19.45 9.63 -70.34
CA GLY A 260 20.68 8.98 -69.87
C GLY A 260 20.76 8.63 -68.39
N LEU A 261 19.95 9.30 -67.56
CA LEU A 261 19.94 9.05 -66.12
C LEU A 261 19.29 7.71 -65.79
N ALA A 262 19.93 6.97 -64.87
CA ALA A 262 19.43 5.69 -64.36
C ALA A 262 19.49 5.69 -62.84
N CYS A 263 18.78 4.76 -62.22
CA CYS A 263 18.88 4.54 -60.78
C CYS A 263 19.46 3.15 -60.53
N ARG A 264 20.58 3.10 -59.80
CA ARG A 264 21.21 1.85 -59.41
C ARG A 264 20.92 1.56 -57.94
N VAL A 265 20.60 0.29 -57.64
CA VAL A 265 20.29 -0.15 -56.28
C VAL A 265 21.11 -1.40 -55.99
N LYS A 266 21.92 -1.33 -54.93
CA LYS A 266 22.64 -2.50 -54.41
C LYS A 266 22.01 -2.96 -53.10
N HIS A 267 21.90 -4.26 -52.93
CA HIS A 267 21.40 -4.84 -51.70
C HIS A 267 21.86 -6.28 -51.56
N SER A 268 22.00 -6.74 -50.32
CA SER A 268 22.52 -8.08 -50.01
C SER A 268 21.69 -9.24 -50.56
N SER A 269 20.40 -9.00 -50.80
CA SER A 269 19.51 -10.06 -51.29
C SER A 269 19.70 -10.36 -52.79
N LEU A 270 20.19 -9.36 -53.53
CA LEU A 270 20.35 -9.48 -54.99
C LEU A 270 21.54 -10.36 -55.42
N GLY A 271 22.46 -10.65 -54.51
CA GLY A 271 23.58 -11.55 -54.79
C GLY A 271 24.39 -11.13 -56.01
N GLY A 272 24.80 -9.87 -56.05
CA GLY A 272 25.72 -9.36 -57.08
C GLY A 272 25.07 -8.62 -58.24
N GLN A 273 23.99 -9.17 -58.77
CA GLN A 273 23.29 -8.54 -59.90
C GLN A 273 22.39 -7.38 -59.41
N ASP A 274 22.93 -6.17 -59.48
CA ASP A 274 22.21 -4.95 -59.09
C ASP A 274 21.02 -4.64 -60.01
N ILE A 275 20.09 -3.84 -59.49
CA ILE A 275 18.93 -3.37 -60.24
C ILE A 275 19.33 -2.03 -60.85
N ILE A 276 19.09 -1.89 -62.15
CA ILE A 276 19.35 -0.65 -62.89
C ILE A 276 18.10 -0.31 -63.71
N LEU A 277 17.47 0.83 -63.42
CA LEU A 277 16.31 1.31 -64.19
C LEU A 277 16.69 2.58 -64.92
N TYR A 278 16.54 2.58 -66.24
CA TYR A 278 16.86 3.74 -67.07
C TYR A 278 15.61 4.58 -67.33
N TRP A 279 15.77 5.90 -67.35
CA TRP A 279 14.68 6.83 -67.66
C TRP A 279 14.53 6.98 -69.17
N GLN B 2 4.58 20.11 -27.30
CA GLN B 2 3.77 19.51 -28.40
C GLN B 2 4.38 19.83 -29.78
N LYS B 3 5.09 18.85 -30.35
CA LYS B 3 5.73 19.00 -31.67
C LYS B 3 4.88 18.39 -32.80
N THR B 4 4.98 19.02 -33.98
CA THR B 4 4.10 18.76 -35.12
C THR B 4 4.37 17.40 -35.85
N PRO B 5 3.32 16.57 -36.05
CA PRO B 5 3.50 15.24 -36.65
C PRO B 5 3.84 15.25 -38.14
N GLN B 6 4.96 14.62 -38.53
CA GLN B 6 5.26 14.39 -39.94
C GLN B 6 4.41 13.22 -40.47
N ILE B 7 3.94 13.37 -41.71
CA ILE B 7 3.10 12.37 -42.36
C ILE B 7 3.72 12.04 -43.72
N GLN B 8 3.84 10.75 -44.04
CA GLN B 8 4.37 10.31 -45.32
C GLN B 8 3.51 9.19 -45.89
N VAL B 9 3.01 9.38 -47.12
CA VAL B 9 2.12 8.43 -47.78
C VAL B 9 2.89 7.73 -48.89
N TYR B 10 2.81 6.40 -48.97
CA TYR B 10 3.58 5.64 -49.96
C TYR B 10 3.02 4.22 -50.16
N SER B 11 3.21 3.67 -51.35
CA SER B 11 2.69 2.36 -51.71
C SER B 11 3.76 1.27 -51.55
N ARG B 12 3.31 0.07 -51.18
CA ARG B 12 4.17 -1.09 -50.94
C ARG B 12 4.84 -1.58 -52.24
N HIS B 13 4.00 -1.71 -53.27
CA HIS B 13 4.41 -2.19 -54.59
C HIS B 13 4.33 -1.02 -55.58
N PRO B 14 4.99 -1.14 -56.75
CA PRO B 14 4.87 -0.06 -57.77
C PRO B 14 3.43 0.08 -58.29
N PRO B 15 2.89 1.31 -58.34
CA PRO B 15 1.47 1.47 -58.63
C PRO B 15 1.14 1.39 -60.13
N GLU B 16 0.38 0.36 -60.50
CA GLU B 16 -0.26 0.26 -61.81
C GLU B 16 -1.75 0.50 -61.63
N ASN B 17 -2.34 1.36 -62.46
CA ASN B 17 -3.79 1.57 -62.46
C ASN B 17 -4.49 0.24 -62.70
N GLY B 18 -5.49 -0.06 -61.88
CA GLY B 18 -6.22 -1.33 -61.94
C GLY B 18 -5.71 -2.40 -60.99
N LYS B 19 -4.40 -2.42 -60.73
CA LYS B 19 -3.78 -3.47 -59.90
C LYS B 19 -3.96 -3.24 -58.39
N PRO B 20 -4.55 -4.23 -57.67
CA PRO B 20 -4.54 -4.18 -56.19
C PRO B 20 -3.14 -3.99 -55.60
N ASN B 21 -3.07 -3.31 -54.46
CA ASN B 21 -1.82 -2.84 -53.85
C ASN B 21 -2.15 -2.51 -52.38
N ILE B 22 -1.15 -2.14 -51.58
CA ILE B 22 -1.34 -1.69 -50.20
C ILE B 22 -0.78 -0.28 -50.09
N LEU B 23 -1.49 0.61 -49.40
CA LEU B 23 -1.07 2.01 -49.21
C LEU B 23 -0.72 2.23 -47.73
N ASN B 24 0.46 2.81 -47.49
CA ASN B 24 0.98 3.05 -46.13
C ASN B 24 0.92 4.53 -45.80
N CYS B 25 0.54 4.82 -44.56
CA CYS B 25 0.68 6.15 -44.01
C CYS B 25 1.50 6.01 -42.73
N TYR B 26 2.63 6.73 -42.69
CA TYR B 26 3.56 6.65 -41.58
C TYR B 26 3.58 8.00 -40.86
N VAL B 27 3.09 8.01 -39.62
CA VAL B 27 3.00 9.22 -38.80
C VAL B 27 4.10 9.18 -37.73
N THR B 28 4.96 10.20 -37.71
CA THR B 28 6.16 10.20 -36.88
C THR B 28 6.35 11.52 -36.18
N GLN B 29 7.32 11.53 -35.24
CA GLN B 29 7.83 12.72 -34.57
C GLN B 29 6.71 13.54 -33.92
N PHE B 30 5.80 12.86 -33.21
CA PHE B 30 4.75 13.55 -32.44
C PHE B 30 4.81 13.16 -30.97
N HIS B 31 4.41 14.09 -30.11
CA HIS B 31 4.08 13.80 -28.72
C HIS B 31 3.15 14.92 -28.20
N PRO B 32 2.18 14.64 -27.32
CA PRO B 32 1.90 13.32 -26.72
C PRO B 32 1.32 12.26 -27.71
N PRO B 33 1.23 10.98 -27.27
CA PRO B 33 0.83 9.90 -28.18
C PRO B 33 -0.64 9.83 -28.61
N HIS B 34 -1.55 10.56 -27.95
CA HIS B 34 -2.98 10.52 -28.34
C HIS B 34 -3.18 11.11 -29.74
N ILE B 35 -3.58 10.29 -30.70
CA ILE B 35 -3.64 10.67 -32.12
C ILE B 35 -4.82 10.00 -32.85
N GLU B 36 -5.36 10.68 -33.85
CA GLU B 36 -6.48 10.19 -34.63
C GLU B 36 -6.00 10.11 -36.08
N ILE B 37 -5.92 8.90 -36.63
CA ILE B 37 -5.44 8.69 -38.01
C ILE B 37 -6.54 8.05 -38.83
N GLN B 38 -6.90 8.70 -39.93
CA GLN B 38 -7.83 8.14 -40.91
C GLN B 38 -7.12 8.07 -42.26
N MET B 39 -7.50 7.10 -43.08
CA MET B 39 -7.09 7.08 -44.48
C MET B 39 -8.31 7.29 -45.36
N LEU B 40 -8.20 8.25 -46.28
CA LEU B 40 -9.33 8.71 -47.08
C LEU B 40 -9.23 8.22 -48.53
N LYS B 41 -10.38 7.88 -49.09
CA LYS B 41 -10.53 7.68 -50.52
C LYS B 41 -11.53 8.73 -51.01
N ASN B 42 -11.07 9.64 -51.87
CA ASN B 42 -11.90 10.74 -52.41
C ASN B 42 -12.53 11.61 -51.30
N GLY B 43 -11.77 11.79 -50.22
CA GLY B 43 -12.22 12.52 -49.04
C GLY B 43 -13.10 11.75 -48.06
N LYS B 44 -13.40 10.48 -48.35
CA LYS B 44 -14.29 9.67 -47.51
C LYS B 44 -13.47 8.60 -46.77
N LYS B 45 -13.83 8.36 -45.51
CA LYS B 45 -13.09 7.48 -44.61
C LYS B 45 -13.15 6.01 -45.07
N ILE B 46 -11.96 5.41 -45.28
CA ILE B 46 -11.83 4.00 -45.67
C ILE B 46 -12.17 3.14 -44.45
N PRO B 47 -12.92 2.05 -44.64
CA PRO B 47 -13.38 1.24 -43.51
C PRO B 47 -12.34 0.30 -42.87
N LYS B 48 -11.59 -0.46 -43.68
CA LYS B 48 -10.70 -1.53 -43.13
C LYS B 48 -9.22 -1.11 -43.11
N VAL B 49 -8.85 -0.30 -42.12
CA VAL B 49 -7.49 0.25 -41.98
C VAL B 49 -6.78 -0.40 -40.79
N GLU B 50 -5.71 -1.15 -41.08
CA GLU B 50 -4.90 -1.80 -40.04
C GLU B 50 -3.89 -0.81 -39.46
N MET B 51 -3.69 -0.87 -38.15
CA MET B 51 -2.68 -0.05 -37.45
C MET B 51 -1.61 -0.94 -36.85
N SER B 52 -0.36 -0.56 -36.98
CA SER B 52 0.70 -1.20 -36.22
C SER B 52 0.62 -0.72 -34.77
N ASP B 53 1.27 -1.45 -33.88
CA ASP B 53 1.38 -1.01 -32.50
C ASP B 53 2.18 0.29 -32.46
N MET B 54 1.71 1.24 -31.66
CA MET B 54 2.49 2.46 -31.43
C MET B 54 3.81 2.11 -30.71
N SER B 55 4.84 2.86 -31.06
CA SER B 55 6.16 2.70 -30.49
C SER B 55 6.86 4.06 -30.55
N PHE B 56 8.08 4.17 -30.02
CA PHE B 56 8.84 5.42 -30.09
C PHE B 56 10.29 5.19 -30.48
N SER B 57 10.93 6.25 -30.96
CA SER B 57 12.32 6.24 -31.44
C SER B 57 13.31 6.57 -30.31
N LYS B 58 14.61 6.54 -30.64
CA LYS B 58 15.68 6.94 -29.70
C LYS B 58 15.48 8.31 -29.08
N ASP B 59 14.95 9.26 -29.85
CA ASP B 59 14.62 10.60 -29.35
C ASP B 59 13.30 10.72 -28.54
N TRP B 60 12.68 9.58 -28.18
CA TRP B 60 11.45 9.51 -27.37
C TRP B 60 10.17 9.97 -28.05
N SER B 61 10.25 10.33 -29.33
CA SER B 61 9.09 10.76 -30.10
C SER B 61 8.42 9.52 -30.66
N PHE B 62 7.10 9.61 -30.84
CA PHE B 62 6.28 8.46 -31.23
C PHE B 62 6.17 8.27 -32.74
N TYR B 63 5.88 7.04 -33.14
CA TYR B 63 5.55 6.72 -34.54
C TYR B 63 4.55 5.58 -34.65
N ILE B 64 3.82 5.54 -35.76
CA ILE B 64 2.82 4.50 -35.99
C ILE B 64 2.54 4.33 -37.49
N LEU B 65 2.37 3.08 -37.92
CA LEU B 65 2.17 2.77 -39.34
C LEU B 65 0.73 2.35 -39.58
N ALA B 66 -0.03 3.21 -40.26
CA ALA B 66 -1.35 2.85 -40.77
C ALA B 66 -1.16 2.26 -42.17
N HIS B 67 -1.97 1.26 -42.51
CA HIS B 67 -2.00 0.80 -43.89
C HIS B 67 -3.35 0.21 -44.25
N THR B 68 -3.57 0.06 -45.55
CA THR B 68 -4.84 -0.46 -46.08
C THR B 68 -4.68 -0.89 -47.54
N GLU B 69 -5.47 -1.89 -47.96
CA GLU B 69 -5.54 -2.31 -49.37
C GLU B 69 -6.24 -1.25 -50.24
N PHE B 70 -5.75 -1.07 -51.45
CA PHE B 70 -6.32 -0.10 -52.37
C PHE B 70 -5.99 -0.47 -53.81
N THR B 71 -6.81 0.02 -54.74
CA THR B 71 -6.55 -0.13 -56.16
C THR B 71 -6.54 1.27 -56.78
N PRO B 72 -5.35 1.73 -57.24
CA PRO B 72 -5.29 3.05 -57.85
C PRO B 72 -5.99 3.14 -59.22
N THR B 73 -6.49 4.32 -59.54
CA THR B 73 -7.11 4.58 -60.84
C THR B 73 -6.60 5.92 -61.34
N GLU B 74 -6.96 6.28 -62.58
CA GLU B 74 -6.73 7.62 -63.10
C GLU B 74 -7.34 8.68 -62.18
N THR B 75 -8.56 8.42 -61.72
CA THR B 75 -9.43 9.45 -61.14
C THR B 75 -9.44 9.56 -59.60
N ASP B 76 -9.28 8.44 -58.89
CA ASP B 76 -9.42 8.42 -57.42
C ASP B 76 -8.23 9.03 -56.64
N THR B 77 -8.55 9.84 -55.63
CA THR B 77 -7.54 10.41 -54.73
C THR B 77 -7.55 9.69 -53.38
N TYR B 78 -6.36 9.52 -52.83
CA TYR B 78 -6.14 8.82 -51.57
C TYR B 78 -5.35 9.73 -50.65
N ALA B 79 -5.76 9.80 -49.39
CA ALA B 79 -5.09 10.70 -48.43
C ALA B 79 -4.91 10.08 -47.06
N CYS B 80 -4.10 10.76 -46.25
CA CYS B 80 -3.95 10.44 -44.83
C CYS B 80 -4.24 11.71 -44.04
N ARG B 81 -5.25 11.64 -43.17
CA ARG B 81 -5.71 12.78 -42.36
C ARG B 81 -5.41 12.52 -40.89
N VAL B 82 -4.69 13.45 -40.26
CA VAL B 82 -4.19 13.28 -38.89
C VAL B 82 -4.69 14.42 -37.99
N LYS B 83 -5.31 14.05 -36.87
CA LYS B 83 -5.79 15.01 -35.87
C LYS B 83 -4.92 14.88 -34.61
N HIS B 84 -4.37 15.99 -34.14
CA HIS B 84 -3.51 16.00 -32.95
C HIS B 84 -3.86 17.21 -32.07
N ALA B 85 -3.38 17.20 -30.84
CA ALA B 85 -3.46 18.36 -29.95
C ALA B 85 -2.52 19.50 -30.40
N SER B 86 -1.41 19.13 -31.05
CA SER B 86 -0.38 20.09 -31.50
C SER B 86 -0.79 20.96 -32.69
N MET B 87 -1.85 20.59 -33.40
CA MET B 87 -2.31 21.34 -34.58
C MET B 87 -3.71 21.91 -34.32
N ALA B 88 -3.94 23.10 -34.86
CA ALA B 88 -5.25 23.76 -34.73
C ALA B 88 -6.29 22.98 -35.52
N GLU B 89 -6.01 22.76 -36.81
CA GLU B 89 -6.86 21.96 -37.69
C GLU B 89 -6.14 20.67 -38.13
N PRO B 90 -6.90 19.66 -38.59
CA PRO B 90 -6.30 18.41 -39.06
C PRO B 90 -5.43 18.57 -40.32
N LYS B 91 -4.26 17.95 -40.31
CA LYS B 91 -3.34 17.97 -41.43
C LYS B 91 -3.67 16.81 -42.36
N THR B 92 -3.65 17.09 -43.66
CA THR B 92 -4.02 16.13 -44.68
C THR B 92 -2.90 16.09 -45.71
N VAL B 93 -2.32 14.91 -45.91
CA VAL B 93 -1.30 14.67 -46.93
C VAL B 93 -1.94 13.79 -47.99
N TYR B 94 -1.83 14.22 -49.24
CA TYR B 94 -2.37 13.48 -50.35
C TYR B 94 -1.30 12.56 -50.90
N TRP B 95 -1.73 11.41 -51.40
CA TRP B 95 -0.87 10.50 -52.12
C TRP B 95 -0.64 11.07 -53.51
N ASP B 96 0.54 11.66 -53.73
CA ASP B 96 1.00 12.01 -55.07
C ASP B 96 1.33 10.68 -55.74
N ARG B 97 0.70 10.41 -56.89
CA ARG B 97 0.73 9.08 -57.55
C ARG B 97 2.13 8.49 -57.77
N ASP B 98 3.16 9.34 -57.70
CA ASP B 98 4.56 8.91 -57.57
C ASP B 98 4.82 7.86 -56.47
N MET B 99 4.66 8.29 -55.21
CA MET B 99 5.07 7.51 -53.99
C MET B 99 4.66 6.02 -53.97
N THR C 3 -12.14 -9.20 2.35
CA THR C 3 -10.91 -8.76 3.09
C THR C 3 -9.73 -9.63 2.67
N GLN C 4 -8.55 -9.01 2.53
CA GLN C 4 -7.37 -9.68 1.97
C GLN C 4 -6.41 -10.33 2.99
N VAL C 5 -6.72 -10.20 4.28
CA VAL C 5 -5.87 -10.77 5.32
C VAL C 5 -6.78 -11.48 6.34
N GLU C 6 -6.56 -12.79 6.52
CA GLU C 6 -7.41 -13.62 7.38
C GLU C 6 -6.58 -14.31 8.46
N GLN C 7 -7.10 -14.25 9.68
CA GLN C 7 -6.41 -14.70 10.84
C GLN C 7 -7.23 -15.80 11.49
N SER C 8 -6.52 -16.81 12.00
CA SER C 8 -7.12 -17.98 12.63
C SER C 8 -6.23 -18.39 13.82
N PRO C 9 -6.81 -18.84 14.94
CA PRO C 9 -8.25 -18.79 15.22
C PRO C 9 -8.75 -17.37 15.51
N GLN C 10 -10.06 -17.16 15.47
CA GLN C 10 -10.66 -15.88 15.89
C GLN C 10 -10.30 -15.61 17.35
N SER C 11 -10.41 -16.63 18.21
CA SER C 11 -9.95 -16.53 19.58
C SER C 11 -9.56 -17.88 20.16
N LEU C 12 -8.79 -17.88 21.25
CA LEU C 12 -8.38 -19.11 21.90
C LEU C 12 -8.01 -18.88 23.37
N VAL C 13 -8.14 -19.93 24.19
CA VAL C 13 -7.87 -19.89 25.62
C VAL C 13 -6.84 -20.98 25.89
N VAL C 14 -5.78 -20.67 26.63
CA VAL C 14 -4.76 -21.65 26.98
C VAL C 14 -4.36 -21.51 28.44
N ARG C 15 -3.80 -22.56 29.02
CA ARG C 15 -3.32 -22.52 30.39
C ARG C 15 -1.87 -22.09 30.35
N GLN C 16 -1.48 -21.29 31.34
CA GLN C 16 -0.08 -20.86 31.49
C GLN C 16 0.91 -22.02 31.31
N GLY C 17 2.00 -21.76 30.60
CA GLY C 17 3.01 -22.78 30.31
C GLY C 17 2.85 -23.48 28.97
N GLU C 18 1.65 -23.45 28.40
CA GLU C 18 1.35 -24.17 27.15
C GLU C 18 1.84 -23.34 25.96
N ASN C 19 2.12 -24.03 24.85
CA ASN C 19 2.46 -23.37 23.57
C ASN C 19 1.20 -23.13 22.75
N CYS C 20 1.23 -22.11 21.90
CA CYS C 20 0.17 -21.93 20.90
C CYS C 20 0.69 -21.34 19.60
N VAL C 21 -0.05 -21.62 18.52
CA VAL C 21 0.31 -21.22 17.19
C VAL C 21 -0.82 -20.38 16.66
N LEU C 22 -0.48 -19.30 15.97
CA LEU C 22 -1.44 -18.35 15.45
C LEU C 22 -1.22 -18.29 13.94
N GLN C 23 -2.28 -18.39 13.15
CA GLN C 23 -2.17 -18.42 11.68
C GLN C 23 -2.52 -17.05 11.06
N CYS C 24 -1.86 -16.73 9.95
CA CYS C 24 -2.23 -15.62 9.08
C CYS C 24 -2.15 -16.04 7.62
N ASN C 25 -3.26 -15.89 6.91
CA ASN C 25 -3.37 -16.17 5.48
C ASN C 25 -3.81 -14.92 4.77
N TYR C 26 -3.20 -14.64 3.62
CA TYR C 26 -3.51 -13.41 2.89
C TYR C 26 -3.60 -13.60 1.38
N SER C 27 -4.33 -12.71 0.72
CA SER C 27 -4.39 -12.66 -0.75
C SER C 27 -3.73 -11.39 -1.35
N VAL C 28 -3.14 -10.54 -0.50
CA VAL C 28 -2.54 -9.27 -0.91
C VAL C 28 -1.46 -9.50 -1.97
N THR C 29 -1.42 -8.64 -3.01
CA THR C 29 -0.34 -8.66 -4.03
C THR C 29 0.17 -7.26 -4.33
N PRO C 30 1.50 -7.07 -4.46
CA PRO C 30 2.52 -8.01 -3.99
C PRO C 30 2.63 -7.99 -2.47
N ASP C 31 3.50 -8.85 -1.95
CA ASP C 31 3.65 -9.06 -0.51
C ASP C 31 5.11 -8.82 -0.13
N ASN C 32 5.43 -7.57 0.23
CA ASN C 32 6.82 -7.19 0.54
C ASN C 32 7.25 -7.73 1.89
N HIS C 33 6.47 -7.45 2.92
CA HIS C 33 6.81 -7.88 4.27
C HIS C 33 5.54 -8.17 5.05
N LEU C 34 5.70 -8.89 6.16
CA LEU C 34 4.59 -9.22 7.07
C LEU C 34 5.02 -8.97 8.51
N ARG C 35 4.24 -8.19 9.23
CA ARG C 35 4.55 -7.82 10.59
C ARG C 35 3.49 -8.36 11.54
N TRP C 36 3.92 -8.83 12.70
CA TRP C 36 3.02 -9.28 13.77
C TRP C 36 3.00 -8.24 14.91
N PHE C 37 1.83 -7.73 15.25
CA PHE C 37 1.70 -6.79 16.36
C PHE C 37 1.09 -7.49 17.56
N LYS C 38 1.35 -6.98 18.76
CA LYS C 38 0.71 -7.39 20.01
C LYS C 38 -0.03 -6.18 20.56
N GLN C 39 -1.28 -6.36 20.97
CA GLN C 39 -2.10 -5.27 21.50
C GLN C 39 -2.85 -5.69 22.77
N ASP C 40 -2.41 -5.17 23.91
CA ASP C 40 -3.10 -5.37 25.20
C ASP C 40 -4.39 -4.58 25.17
N THR C 41 -5.34 -5.01 25.99
CA THR C 41 -6.66 -4.37 26.08
C THR C 41 -6.48 -2.90 26.46
N GLY C 42 -7.04 -2.00 25.64
CA GLY C 42 -6.83 -0.56 25.77
C GLY C 42 -5.35 -0.19 25.70
N LYS C 43 -4.76 -0.35 24.52
CA LYS C 43 -3.33 -0.12 24.40
C LYS C 43 -2.88 -0.08 22.93
N GLY C 44 -1.58 0.11 22.76
CA GLY C 44 -1.01 0.33 21.46
C GLY C 44 -0.57 -0.94 20.81
N LEU C 45 -0.01 -0.77 19.63
CA LEU C 45 0.48 -1.84 18.83
C LEU C 45 1.95 -1.97 19.14
N VAL C 46 2.37 -3.08 19.74
CA VAL C 46 3.79 -3.39 19.90
C VAL C 46 4.21 -4.37 18.82
N SER C 47 5.20 -4.00 18.02
CA SER C 47 5.73 -4.89 16.99
C SER C 47 6.47 -6.08 17.63
N LEU C 48 6.14 -7.29 17.21
CA LEU C 48 6.84 -8.49 17.69
C LEU C 48 7.94 -8.89 16.73
N THR C 49 7.63 -8.89 15.45
CA THR C 49 8.60 -9.27 14.42
C THR C 49 8.12 -8.86 13.03
N VAL C 50 9.05 -8.81 12.09
CA VAL C 50 8.75 -8.50 10.72
C VAL C 50 9.51 -9.45 9.82
N LEU C 51 8.79 -10.06 8.89
CA LEU C 51 9.35 -11.08 8.01
C LEU C 51 9.36 -10.51 6.61
N VAL C 52 10.47 -10.72 5.90
CA VAL C 52 10.69 -10.09 4.58
C VAL C 52 11.14 -11.00 3.42
N ASP C 53 11.59 -12.23 3.69
CA ASP C 53 12.08 -13.13 2.63
C ASP C 53 11.02 -14.10 2.12
N GLN C 54 11.29 -14.71 0.97
CA GLN C 54 10.35 -15.65 0.32
C GLN C 54 9.98 -16.82 1.25
N LYS C 55 11.00 -17.38 1.90
CA LYS C 55 10.83 -18.35 3.01
C LYS C 55 11.60 -17.74 4.16
N ASP C 56 10.90 -17.32 5.21
CA ASP C 56 11.55 -16.58 6.30
C ASP C 56 11.17 -17.15 7.67
N LYS C 57 12.06 -16.92 8.64
CA LYS C 57 11.91 -17.37 10.02
C LYS C 57 12.51 -16.32 10.93
N THR C 58 11.79 -15.94 11.98
CA THR C 58 12.34 -15.01 12.97
C THR C 58 12.03 -15.45 14.38
N SER C 59 12.79 -14.92 15.34
CA SER C 59 12.55 -15.17 16.77
C SER C 59 12.70 -13.90 17.59
N ASN C 60 12.11 -13.91 18.77
CA ASN C 60 12.15 -12.76 19.65
C ASN C 60 11.74 -13.30 21.00
N GLY C 61 12.73 -13.92 21.66
CA GLY C 61 12.54 -14.55 22.96
C GLY C 61 11.67 -15.77 22.84
N ARG C 62 10.47 -15.68 23.38
CA ARG C 62 9.49 -16.76 23.36
C ARG C 62 8.54 -16.72 22.11
N TYR C 63 8.59 -15.63 21.34
CA TYR C 63 7.89 -15.54 20.05
C TYR C 63 8.80 -16.06 18.93
N SER C 64 8.26 -16.88 18.05
CA SER C 64 8.92 -17.15 16.77
C SER C 64 7.88 -17.10 15.66
N ALA C 65 8.34 -16.94 14.43
CA ALA C 65 7.43 -16.80 13.32
C ALA C 65 8.01 -17.30 12.00
N THR C 66 7.12 -17.61 11.06
CA THR C 66 7.48 -18.03 9.70
C THR C 66 6.68 -17.30 8.64
N LEU C 67 7.25 -17.22 7.45
CA LEU C 67 6.53 -16.69 6.29
C LEU C 67 6.88 -17.54 5.12
N ASP C 68 5.87 -18.01 4.38
CA ASP C 68 6.07 -18.55 3.03
C ASP C 68 5.21 -17.72 2.07
N LYS C 69 5.88 -16.92 1.24
CA LYS C 69 5.20 -16.05 0.28
C LYS C 69 4.49 -16.80 -0.85
N ASP C 70 5.06 -17.91 -1.33
CA ASP C 70 4.35 -18.76 -2.30
C ASP C 70 2.94 -19.15 -1.79
N ALA C 71 2.89 -19.68 -0.57
CA ALA C 71 1.63 -20.08 0.06
C ALA C 71 0.79 -18.90 0.55
N LYS C 72 1.43 -17.76 0.80
CA LYS C 72 0.77 -16.58 1.38
C LYS C 72 0.26 -16.95 2.77
N HIS C 73 1.20 -17.42 3.57
CA HIS C 73 0.90 -17.96 4.88
C HIS C 73 1.99 -17.56 5.88
N SER C 74 1.57 -17.10 7.05
CA SER C 74 2.48 -16.87 8.18
C SER C 74 1.92 -17.53 9.42
N THR C 75 2.80 -18.00 10.30
CA THR C 75 2.40 -18.40 11.65
C THR C 75 3.24 -17.67 12.68
N LEU C 76 2.67 -17.47 13.86
CA LEU C 76 3.37 -16.96 15.02
C LEU C 76 3.26 -17.99 16.14
N HIS C 77 4.40 -18.52 16.59
CA HIS C 77 4.46 -19.45 17.72
C HIS C 77 4.80 -18.68 18.99
N ILE C 78 4.14 -19.02 20.09
CA ILE C 78 4.43 -18.48 21.43
C ILE C 78 4.75 -19.66 22.32
N THR C 79 5.97 -19.73 22.86
CA THR C 79 6.38 -20.85 23.71
C THR C 79 6.11 -20.49 25.18
N ALA C 80 5.70 -21.48 25.96
CA ALA C 80 5.56 -21.30 27.40
C ALA C 80 4.80 -20.02 27.77
N THR C 81 3.54 -19.94 27.36
CA THR C 81 2.77 -18.71 27.53
C THR C 81 2.76 -18.26 28.98
N LEU C 82 2.75 -16.94 29.16
CA LEU C 82 2.59 -16.30 30.46
C LEU C 82 1.34 -15.44 30.41
N LEU C 83 0.92 -14.99 31.60
CA LEU C 83 -0.31 -14.26 31.76
C LEU C 83 -0.31 -12.97 30.92
N ASP C 84 0.84 -12.29 30.84
CA ASP C 84 1.05 -11.09 29.99
C ASP C 84 0.77 -11.28 28.50
N ASP C 85 0.83 -12.51 28.01
CA ASP C 85 0.46 -12.78 26.63
C ASP C 85 -1.03 -12.61 26.33
N THR C 86 -1.86 -12.51 27.36
CA THR C 86 -3.26 -12.15 27.15
C THR C 86 -3.36 -10.83 26.35
N ALA C 87 -3.84 -10.94 25.11
CA ALA C 87 -3.79 -9.84 24.15
C ALA C 87 -4.40 -10.25 22.81
N THR C 88 -4.69 -9.26 21.97
CA THR C 88 -5.06 -9.50 20.59
C THR C 88 -3.78 -9.45 19.76
N TYR C 89 -3.57 -10.43 18.89
CA TYR C 89 -2.38 -10.50 18.08
C TYR C 89 -2.76 -10.21 16.62
N ILE C 90 -2.07 -9.28 15.99
CA ILE C 90 -2.49 -8.72 14.71
C ILE C 90 -1.46 -8.95 13.61
N CYS C 91 -1.96 -9.38 12.47
CA CYS C 91 -1.16 -9.67 11.30
C CYS C 91 -1.32 -8.50 10.32
N VAL C 92 -0.19 -8.00 9.81
CA VAL C 92 -0.19 -6.92 8.82
C VAL C 92 0.73 -7.22 7.64
N VAL C 93 0.22 -6.99 6.44
CA VAL C 93 1.00 -7.16 5.22
C VAL C 93 1.17 -5.80 4.53
N GLY C 94 2.43 -5.44 4.27
CA GLY C 94 2.79 -4.24 3.51
C GLY C 94 3.09 -4.62 2.07
N ASP C 95 2.42 -3.94 1.14
CA ASP C 95 2.55 -4.29 -0.28
C ASP C 95 3.69 -3.58 -1.05
N ARG C 96 4.57 -2.86 -0.35
CA ARG C 96 5.80 -2.31 -0.96
C ARG C 96 6.94 -2.30 0.03
N GLY C 97 8.18 -2.34 -0.51
CA GLY C 97 9.41 -2.05 0.26
C GLY C 97 9.76 -0.57 0.53
N SER C 98 8.81 0.34 0.32
CA SER C 98 8.96 1.78 0.52
C SER C 98 7.65 2.39 1.07
N ALA C 99 7.65 3.72 1.23
CA ALA C 99 6.49 4.43 1.79
C ALA C 99 5.37 4.61 0.79
N LEU C 100 5.60 4.19 -0.45
CA LEU C 100 4.54 4.08 -1.43
C LEU C 100 3.49 3.00 -1.09
N GLY C 101 3.84 2.10 -0.16
CA GLY C 101 3.03 0.96 0.21
C GLY C 101 1.84 1.25 1.09
N ARG C 102 0.90 0.31 1.08
CA ARG C 102 -0.26 0.29 1.95
C ARG C 102 -0.15 -0.93 2.82
N LEU C 103 -0.64 -0.78 4.05
CA LEU C 103 -0.67 -1.87 5.02
C LEU C 103 -2.07 -2.46 5.02
N HIS C 104 -2.14 -3.78 4.95
CA HIS C 104 -3.40 -4.50 4.99
C HIS C 104 -3.44 -5.28 6.30
N PHE C 105 -4.43 -4.97 7.13
CA PHE C 105 -4.49 -5.43 8.52
C PHE C 105 -5.46 -6.57 8.67
N GLY C 106 -5.02 -7.65 9.32
CA GLY C 106 -5.94 -8.68 9.78
C GLY C 106 -6.76 -8.14 10.94
N ALA C 107 -7.84 -8.82 11.30
CA ALA C 107 -8.70 -8.39 12.38
C ALA C 107 -8.26 -8.95 13.74
N GLY C 108 -7.21 -9.75 13.76
CA GLY C 108 -6.61 -10.17 15.00
C GLY C 108 -7.13 -11.49 15.51
N THR C 109 -6.35 -12.08 16.41
CA THR C 109 -6.68 -13.29 17.15
C THR C 109 -6.66 -12.94 18.63
N GLN C 110 -7.75 -13.14 19.35
CA GLN C 110 -7.76 -12.88 20.79
C GLN C 110 -7.20 -14.08 21.60
N LEU C 111 -6.09 -13.89 22.30
CA LEU C 111 -5.53 -14.92 23.17
C LEU C 111 -5.84 -14.62 24.63
N ILE C 112 -6.28 -15.62 25.36
CA ILE C 112 -6.40 -15.53 26.81
C ILE C 112 -5.55 -16.63 27.41
N VAL C 113 -4.72 -16.26 28.36
CA VAL C 113 -3.90 -17.21 29.10
C VAL C 113 -4.45 -17.32 30.51
N ILE C 114 -4.79 -18.54 30.94
CA ILE C 114 -5.29 -18.79 32.28
C ILE C 114 -4.07 -19.07 33.14
N PRO C 115 -3.94 -18.37 34.27
CA PRO C 115 -2.74 -18.46 35.11
C PRO C 115 -2.79 -19.63 36.09
N ASP C 116 -1.62 -20.18 36.42
CA ASP C 116 -1.52 -21.32 37.34
C ASP C 116 -1.42 -20.81 38.78
N ILE C 117 -2.43 -21.11 39.59
CA ILE C 117 -2.43 -20.79 41.02
C ILE C 117 -1.85 -21.98 41.77
N GLN C 118 -0.68 -21.78 42.39
CA GLN C 118 0.08 -22.89 43.00
C GLN C 118 -0.55 -23.34 44.33
N ASN C 119 -0.81 -22.37 45.22
CA ASN C 119 -1.18 -22.66 46.61
C ASN C 119 -2.45 -21.89 47.02
N PRO C 120 -3.63 -22.37 46.56
CA PRO C 120 -4.88 -21.68 46.86
C PRO C 120 -5.26 -21.71 48.35
N ASP C 121 -5.93 -20.65 48.79
CA ASP C 121 -6.28 -20.40 50.18
C ASP C 121 -7.60 -19.62 50.20
N PRO C 122 -8.64 -20.13 49.50
CA PRO C 122 -9.85 -19.36 49.23
C PRO C 122 -10.50 -18.82 50.51
N ALA C 123 -10.85 -17.53 50.47
CA ALA C 123 -11.38 -16.81 51.63
C ALA C 123 -12.28 -15.68 51.18
N VAL C 124 -13.13 -15.23 52.10
CA VAL C 124 -13.95 -14.04 51.91
C VAL C 124 -13.81 -13.10 53.10
N TYR C 125 -13.12 -11.98 52.87
CA TYR C 125 -12.85 -10.97 53.88
C TYR C 125 -13.82 -9.80 53.74
N GLN C 126 -13.97 -9.03 54.82
CA GLN C 126 -14.74 -7.78 54.81
C GLN C 126 -13.77 -6.61 54.89
N LEU C 127 -13.96 -5.62 54.01
CA LEU C 127 -13.10 -4.43 53.96
C LEU C 127 -13.94 -3.18 54.25
N ARG C 128 -13.44 -2.28 55.10
CA ARG C 128 -14.18 -1.07 55.47
C ARG C 128 -13.68 0.18 54.73
N ASP C 129 -14.59 1.11 54.49
CA ASP C 129 -14.30 2.38 53.79
C ASP C 129 -13.49 3.27 54.71
N SER C 130 -12.47 3.93 54.14
CA SER C 130 -11.56 4.78 54.91
C SER C 130 -12.24 6.02 55.48
N LYS C 131 -13.03 6.71 54.64
CA LYS C 131 -13.81 7.86 55.06
C LYS C 131 -15.05 7.39 55.84
N SER C 132 -16.05 6.85 55.14
CA SER C 132 -17.35 6.50 55.75
C SER C 132 -17.42 5.02 56.17
N SER C 133 -16.86 4.70 57.34
CA SER C 133 -16.59 3.30 57.76
C SER C 133 -17.80 2.39 58.10
N ASP C 134 -19.02 2.92 58.04
CA ASP C 134 -20.23 2.07 58.04
C ASP C 134 -20.46 1.31 56.71
N LYS C 135 -19.99 1.86 55.58
CA LYS C 135 -20.03 1.15 54.27
C LYS C 135 -18.92 0.08 54.18
N SER C 136 -19.11 -0.88 53.27
CA SER C 136 -18.14 -2.00 53.11
C SER C 136 -18.26 -2.78 51.81
N VAL C 137 -17.25 -3.61 51.57
CA VAL C 137 -17.24 -4.58 50.47
C VAL C 137 -16.79 -5.95 50.97
N CYS C 138 -17.13 -6.98 50.20
CA CYS C 138 -16.69 -8.35 50.49
C CYS C 138 -15.74 -8.82 49.39
N LEU C 139 -14.54 -9.23 49.79
CA LEU C 139 -13.51 -9.66 48.88
C LEU C 139 -13.33 -11.17 48.95
N PHE C 140 -13.76 -11.87 47.90
CA PHE C 140 -13.52 -13.31 47.72
C PHE C 140 -12.19 -13.47 46.99
N THR C 141 -11.22 -14.10 47.62
CA THR C 141 -9.88 -14.11 47.06
C THR C 141 -9.14 -15.41 47.33
N ASP C 142 -8.04 -15.60 46.60
CA ASP C 142 -7.18 -16.78 46.67
C ASP C 142 -7.82 -18.12 46.20
N PHE C 143 -8.92 -18.04 45.45
CA PHE C 143 -9.51 -19.23 44.83
C PHE C 143 -8.78 -19.56 43.54
N ASP C 144 -8.69 -20.85 43.19
CA ASP C 144 -7.94 -21.28 42.00
C ASP C 144 -8.76 -21.18 40.70
N SER C 145 -8.11 -21.45 39.56
CA SER C 145 -8.70 -21.21 38.23
C SER C 145 -9.84 -22.15 37.81
N GLN C 146 -10.11 -23.19 38.59
CA GLN C 146 -11.29 -24.04 38.41
C GLN C 146 -12.56 -23.55 39.18
N THR C 147 -12.59 -22.28 39.63
CA THR C 147 -13.79 -21.68 40.25
C THR C 147 -14.30 -20.53 39.41
N ASN C 148 -15.61 -20.53 39.15
CA ASN C 148 -16.29 -19.44 38.46
C ASN C 148 -17.01 -18.59 39.49
N VAL C 149 -17.23 -17.33 39.15
CA VAL C 149 -17.95 -16.39 40.00
C VAL C 149 -19.17 -15.95 39.21
N SER C 150 -20.32 -15.90 39.88
CA SER C 150 -21.58 -15.71 39.21
C SER C 150 -22.26 -14.46 39.74
N GLN C 151 -22.85 -13.68 38.83
CA GLN C 151 -23.71 -12.53 39.19
C GLN C 151 -24.71 -12.95 40.26
N SER C 152 -25.03 -12.04 41.19
CA SER C 152 -25.85 -12.39 42.35
C SER C 152 -27.31 -12.66 42.00
N LYS C 153 -27.98 -13.32 42.93
CA LYS C 153 -29.43 -13.53 42.89
C LYS C 153 -30.17 -12.20 42.99
N ASP C 154 -29.74 -11.34 43.92
CA ASP C 154 -30.38 -10.03 44.16
C ASP C 154 -30.00 -9.01 43.06
N SER C 155 -30.92 -8.09 42.78
CA SER C 155 -30.71 -7.03 41.78
C SER C 155 -29.88 -5.88 42.34
N ASP C 156 -30.11 -5.56 43.63
CA ASP C 156 -29.38 -4.49 44.32
C ASP C 156 -28.00 -4.88 44.84
N VAL C 157 -27.68 -6.18 44.84
CA VAL C 157 -26.31 -6.64 45.13
C VAL C 157 -25.48 -6.62 43.86
N TYR C 158 -24.22 -6.19 43.97
CA TYR C 158 -23.30 -6.12 42.82
C TYR C 158 -22.16 -7.05 43.07
N ILE C 159 -21.82 -7.85 42.06
CA ILE C 159 -20.65 -8.73 42.12
C ILE C 159 -19.89 -8.63 40.81
N THR C 160 -18.59 -8.51 40.92
CA THR C 160 -17.71 -8.35 39.76
C THR C 160 -17.29 -9.72 39.29
N ASP C 161 -16.76 -9.76 38.07
CA ASP C 161 -16.18 -10.97 37.52
C ASP C 161 -14.86 -11.21 38.26
N LYS C 162 -14.27 -12.39 38.07
CA LYS C 162 -12.94 -12.67 38.63
C LYS C 162 -11.87 -11.87 37.88
N CYS C 163 -10.69 -11.78 38.47
CA CYS C 163 -9.60 -10.96 37.96
C CYS C 163 -8.31 -11.38 38.68
N VAL C 164 -7.24 -11.58 37.92
CA VAL C 164 -5.95 -12.02 38.49
C VAL C 164 -4.95 -10.88 38.62
N LEU C 165 -4.28 -10.79 39.76
CA LEU C 165 -3.22 -9.80 40.00
C LEU C 165 -1.89 -10.50 40.20
N ASP C 166 -0.82 -9.81 39.82
CA ASP C 166 0.51 -10.40 39.84
C ASP C 166 1.40 -9.52 40.71
N MET C 167 1.65 -9.99 41.93
CA MET C 167 2.64 -9.35 42.82
C MET C 167 4.04 -9.72 42.32
N ARG C 168 4.66 -8.79 41.59
CA ARG C 168 5.81 -9.09 40.71
C ARG C 168 7.01 -9.66 41.44
N SER C 169 7.50 -8.95 42.45
CA SER C 169 8.75 -9.29 43.14
C SER C 169 8.69 -10.56 44.00
N MET C 170 7.48 -10.95 44.43
CA MET C 170 7.24 -12.22 45.15
C MET C 170 6.88 -13.42 44.25
N ASP C 171 6.74 -13.20 42.94
CA ASP C 171 6.34 -14.25 41.98
C ASP C 171 5.03 -14.96 42.42
N PHE C 172 4.10 -14.16 42.92
CA PHE C 172 2.84 -14.62 43.48
C PHE C 172 1.69 -14.09 42.61
N LYS C 173 0.73 -14.97 42.29
CA LYS C 173 -0.50 -14.58 41.60
C LYS C 173 -1.71 -14.93 42.46
N SER C 174 -2.82 -14.22 42.27
CA SER C 174 -4.05 -14.54 43.00
C SER C 174 -5.29 -13.98 42.31
N ASN C 175 -6.33 -14.81 42.25
CA ASN C 175 -7.64 -14.36 41.78
C ASN C 175 -8.34 -13.60 42.91
N SER C 176 -9.33 -12.83 42.52
CA SER C 176 -10.14 -12.09 43.46
C SER C 176 -11.45 -11.75 42.75
N ALA C 177 -12.50 -11.52 43.53
CA ALA C 177 -13.67 -10.81 43.05
C ALA C 177 -14.32 -10.08 44.22
N VAL C 178 -15.01 -9.00 43.91
CA VAL C 178 -15.58 -8.10 44.89
C VAL C 178 -17.09 -8.14 44.80
N ALA C 179 -17.75 -8.01 45.95
CA ALA C 179 -19.18 -7.90 46.00
C ALA C 179 -19.57 -6.86 47.04
N TRP C 180 -20.63 -6.10 46.76
CA TRP C 180 -21.13 -5.06 47.66
C TRP C 180 -22.61 -4.76 47.43
N SER C 181 -23.22 -4.07 48.39
CA SER C 181 -24.64 -3.68 48.33
C SER C 181 -25.02 -2.80 49.53
N ASN C 182 -25.82 -1.76 49.31
CA ASN C 182 -26.30 -0.91 50.42
C ASN C 182 -27.48 -1.54 51.20
N LYS C 183 -28.54 -1.93 50.50
CA LYS C 183 -29.77 -2.44 51.16
C LYS C 183 -29.68 -3.94 51.42
N ASP C 185 -28.09 -5.90 56.63
CA ASP C 185 -28.72 -7.11 56.10
C ASP C 185 -27.95 -7.78 54.95
N PHE C 186 -27.00 -7.06 54.33
CA PHE C 186 -25.98 -7.66 53.46
C PHE C 186 -24.75 -7.96 54.32
N ALA C 187 -24.37 -9.25 54.36
CA ALA C 187 -23.15 -9.70 55.06
C ALA C 187 -22.31 -10.55 54.13
N CYS C 188 -21.05 -10.76 54.51
CA CYS C 188 -20.08 -11.45 53.66
C CYS C 188 -20.25 -12.98 53.61
N ALA C 189 -20.87 -13.56 54.64
CA ALA C 189 -21.31 -14.97 54.59
C ALA C 189 -22.33 -15.22 53.47
N ASN C 190 -23.30 -14.33 53.35
CA ASN C 190 -24.38 -14.43 52.33
C ASN C 190 -23.99 -13.95 50.92
N ALA C 191 -22.85 -13.27 50.79
CA ALA C 191 -22.45 -12.62 49.54
C ALA C 191 -22.36 -13.55 48.33
N PHE C 192 -21.62 -14.65 48.48
CA PHE C 192 -21.36 -15.58 47.36
C PHE C 192 -22.16 -16.89 47.41
N ASN C 193 -23.40 -16.81 47.94
CA ASN C 193 -24.35 -17.95 47.94
C ASN C 193 -24.47 -18.54 46.55
N ASN C 194 -24.73 -17.67 45.57
CA ASN C 194 -25.07 -18.08 44.21
C ASN C 194 -23.85 -18.44 43.33
N SER C 195 -22.67 -18.64 43.92
CA SER C 195 -21.51 -19.19 43.21
C SER C 195 -21.15 -20.54 43.82
N ILE C 196 -20.69 -21.46 42.97
CA ILE C 196 -20.13 -22.72 43.44
C ILE C 196 -18.70 -22.39 43.90
N ILE C 197 -18.58 -22.07 45.21
CA ILE C 197 -17.30 -21.72 45.85
C ILE C 197 -16.75 -22.97 46.55
N PRO C 198 -15.40 -23.10 46.68
CA PRO C 198 -14.82 -24.30 47.31
C PRO C 198 -15.30 -24.60 48.74
N GLU C 199 -15.07 -25.83 49.16
CA GLU C 199 -15.61 -26.35 50.43
C GLU C 199 -14.84 -25.85 51.66
N ASP C 200 -13.53 -25.65 51.51
CA ASP C 200 -12.66 -25.19 52.63
C ASP C 200 -12.45 -23.66 52.69
N THR C 201 -13.45 -22.89 52.27
CA THR C 201 -13.33 -21.43 52.22
C THR C 201 -13.32 -20.84 53.64
N PHE C 202 -12.34 -19.96 53.91
CA PHE C 202 -12.21 -19.32 55.22
C PHE C 202 -13.14 -18.09 55.32
N PHE C 203 -14.15 -18.19 56.18
CA PHE C 203 -15.03 -17.07 56.54
C PHE C 203 -14.66 -16.65 57.97
N PRO C 204 -13.86 -15.57 58.13
CA PRO C 204 -13.27 -15.24 59.44
C PRO C 204 -14.25 -14.74 60.54
N SER C 205 -13.73 -14.62 61.76
CA SER C 205 -14.50 -14.30 62.98
C SER C 205 -15.53 -15.37 63.29
N ALA D 3 11.92 6.68 17.57
CA ALA D 3 11.03 7.57 16.77
C ALA D 3 9.57 7.59 17.30
N ALA D 4 9.29 8.57 18.19
CA ALA D 4 8.01 8.65 18.94
C ALA D 4 6.97 9.60 18.34
N VAL D 5 5.70 9.25 18.56
CA VAL D 5 4.54 9.95 18.02
C VAL D 5 3.51 10.05 19.15
N THR D 6 2.91 11.23 19.32
CA THR D 6 1.94 11.46 20.39
C THR D 6 0.61 11.82 19.79
N GLN D 7 -0.46 11.58 20.55
CA GLN D 7 -1.84 11.86 20.11
C GLN D 7 -2.57 12.59 21.21
N SER D 8 -3.45 13.52 20.83
CA SER D 8 -4.30 14.16 21.82
C SER D 8 -5.64 14.58 21.21
N PRO D 9 -6.73 14.51 21.98
CA PRO D 9 -6.75 13.91 23.32
C PRO D 9 -6.63 12.39 23.27
N ARG D 10 -6.18 11.79 24.37
CA ARG D 10 -6.10 10.34 24.44
C ARG D 10 -7.47 9.64 24.60
N ASN D 11 -8.47 10.39 25.03
CA ASN D 11 -9.80 9.85 25.26
C ASN D 11 -10.78 11.02 25.17
N LYS D 12 -11.98 10.78 24.63
CA LYS D 12 -12.89 11.88 24.29
C LYS D 12 -14.36 11.45 24.21
N VAL D 13 -15.23 12.21 24.86
CA VAL D 13 -16.67 12.04 24.78
C VAL D 13 -17.26 13.29 24.11
N ALA D 14 -18.16 13.06 23.16
CA ALA D 14 -18.68 14.10 22.27
C ALA D 14 -20.13 13.81 21.91
N VAL D 15 -20.85 14.85 21.52
CA VAL D 15 -22.25 14.74 21.14
C VAL D 15 -22.40 14.81 19.62
N THR D 16 -23.40 14.10 19.08
CA THR D 16 -23.77 14.18 17.67
C THR D 16 -23.91 15.64 17.23
N GLY D 17 -23.34 15.95 16.06
CA GLY D 17 -23.36 17.31 15.52
C GLY D 17 -22.23 18.21 15.99
N GLY D 18 -21.48 17.76 17.01
CA GLY D 18 -20.34 18.51 17.51
C GLY D 18 -19.14 18.43 16.60
N LYS D 19 -18.18 19.31 16.83
CA LYS D 19 -16.91 19.31 16.11
C LYS D 19 -15.89 18.65 17.01
N VAL D 20 -15.19 17.65 16.49
CA VAL D 20 -14.13 16.98 17.22
C VAL D 20 -12.87 17.06 16.36
N THR D 21 -11.73 17.36 16.98
CA THR D 21 -10.44 17.37 16.30
C THR D 21 -9.51 16.43 17.04
N LEU D 22 -8.95 15.47 16.32
CA LEU D 22 -7.98 14.56 16.88
C LEU D 22 -6.64 14.94 16.30
N SER D 23 -5.70 15.31 17.15
CA SER D 23 -4.39 15.76 16.72
C SER D 23 -3.34 14.71 16.98
N CYS D 24 -2.36 14.70 16.10
CA CYS D 24 -1.24 13.82 16.20
C CYS D 24 0.00 14.66 16.01
N ASN D 25 0.99 14.43 16.87
CA ASN D 25 2.24 15.17 16.82
C ASN D 25 3.46 14.23 16.80
N GLN D 26 4.46 14.65 16.02
CA GLN D 26 5.57 13.83 15.60
C GLN D 26 6.83 14.70 15.39
N THR D 27 7.89 14.46 16.19
CA THR D 27 9.15 15.24 16.14
C THR D 27 10.32 14.50 15.47
N ASN D 28 10.00 13.61 14.52
CA ASN D 28 11.01 12.78 13.85
C ASN D 28 11.41 13.35 12.50
N ASN D 29 10.78 14.47 12.11
CA ASN D 29 10.98 15.06 10.79
C ASN D 29 10.57 14.05 9.68
N HIS D 30 9.49 13.32 9.94
CA HIS D 30 8.91 12.41 8.97
C HIS D 30 7.96 13.20 8.08
N ASN D 31 8.21 13.13 6.78
CA ASN D 31 7.33 13.72 5.77
C ASN D 31 5.91 13.17 5.84
N ASN D 32 5.79 11.86 6.07
CA ASN D 32 4.54 11.15 5.81
C ASN D 32 3.77 10.85 7.10
N MET D 33 2.48 11.15 7.11
CA MET D 33 1.62 10.82 8.27
C MET D 33 0.25 10.21 7.85
N TYR D 34 -0.29 9.37 8.74
CA TYR D 34 -1.37 8.45 8.42
C TYR D 34 -2.36 8.41 9.57
N TRP D 35 -3.67 8.45 9.26
CA TRP D 35 -4.74 8.28 10.27
C TRP D 35 -5.53 7.02 9.95
N TYR D 36 -5.73 6.19 10.98
CA TYR D 36 -6.50 4.97 10.90
C TYR D 36 -7.56 4.92 12.01
N ARG D 37 -8.67 4.21 11.77
CA ARG D 37 -9.58 3.81 12.84
C ARG D 37 -9.64 2.28 12.99
N GLN D 38 -9.73 1.82 14.24
CA GLN D 38 -9.84 0.39 14.59
C GLN D 38 -11.24 0.15 15.19
N ASP D 39 -12.08 -0.59 14.47
CA ASP D 39 -13.35 -1.10 15.00
C ASP D 39 -13.29 -2.62 15.16
N THR D 40 -14.02 -3.14 16.15
CA THR D 40 -13.99 -4.58 16.46
C THR D 40 -14.38 -5.44 15.25
N GLY D 41 -13.66 -6.55 15.09
CA GLY D 41 -13.88 -7.43 13.95
C GLY D 41 -13.49 -6.88 12.58
N HIS D 42 -12.81 -5.72 12.55
CA HIS D 42 -12.06 -5.28 11.38
C HIS D 42 -10.65 -5.00 11.83
N GLY D 43 -9.73 -5.01 10.87
CA GLY D 43 -8.39 -4.49 11.09
C GLY D 43 -8.41 -2.97 11.02
N LEU D 44 -7.27 -2.34 11.33
CA LEU D 44 -7.13 -0.90 11.12
C LEU D 44 -7.41 -0.53 9.65
N ARG D 45 -8.20 0.54 9.45
CA ARG D 45 -8.51 1.07 8.12
C ARG D 45 -8.09 2.54 7.94
N LEU D 46 -7.40 2.80 6.84
CA LEU D 46 -6.86 4.12 6.52
C LEU D 46 -7.96 5.16 6.18
N ILE D 47 -7.96 6.28 6.88
CA ILE D 47 -8.93 7.35 6.67
C ILE D 47 -8.33 8.41 5.74
N HIS D 48 -7.26 9.07 6.20
CA HIS D 48 -6.51 10.05 5.40
C HIS D 48 -5.03 9.86 5.62
N TYR D 49 -4.25 10.42 4.73
CA TYR D 49 -2.80 10.48 4.94
C TYR D 49 -2.23 11.77 4.30
N SER D 50 -0.94 12.01 4.52
CA SER D 50 -0.28 13.21 4.04
C SER D 50 1.19 12.93 3.77
N TYR D 51 1.67 13.44 2.63
CA TYR D 51 3.11 13.36 2.26
C TYR D 51 3.94 14.59 2.66
N GLY D 52 3.28 15.62 3.18
CA GLY D 52 3.99 16.77 3.73
C GLY D 52 3.04 17.89 4.03
N ALA D 53 3.57 18.91 4.69
CA ALA D 53 2.81 20.11 5.02
C ALA D 53 1.99 20.56 3.81
N GLY D 54 0.69 20.78 4.05
CA GLY D 54 -0.22 21.21 2.99
C GLY D 54 -0.86 20.10 2.17
N SER D 55 -0.31 18.88 2.24
CA SER D 55 -0.85 17.72 1.51
C SER D 55 -1.82 17.01 2.45
N THR D 56 -2.95 16.60 1.90
CA THR D 56 -3.82 15.62 2.54
C THR D 56 -4.40 14.80 1.41
N GLU D 57 -4.47 13.48 1.62
CA GLU D 57 -5.00 12.56 0.63
C GLU D 57 -6.09 11.74 1.26
N LYS D 58 -7.06 11.33 0.45
CA LYS D 58 -8.14 10.47 0.90
C LYS D 58 -7.60 9.05 0.95
N GLY D 59 -7.96 8.33 2.01
CA GLY D 59 -7.61 6.92 2.18
C GLY D 59 -8.70 6.00 1.66
N ASP D 60 -9.00 4.93 2.40
CA ASP D 60 -10.03 3.95 2.01
C ASP D 60 -11.41 4.34 2.50
N ILE D 61 -11.48 4.95 3.68
CA ILE D 61 -12.76 5.32 4.30
C ILE D 61 -12.84 6.77 4.77
N PRO D 62 -12.61 7.71 3.84
CA PRO D 62 -12.53 9.12 4.20
C PRO D 62 -13.85 9.80 4.57
N ASP D 63 -14.99 9.24 4.17
CA ASP D 63 -16.26 9.94 4.35
C ASP D 63 -16.54 10.34 5.82
N GLY D 64 -16.85 11.63 6.03
CA GLY D 64 -17.14 12.17 7.36
C GLY D 64 -15.95 12.81 8.05
N TYR D 65 -14.77 12.78 7.41
CA TYR D 65 -13.52 13.24 8.01
C TYR D 65 -12.81 14.19 7.07
N LYS D 66 -12.40 15.33 7.62
CA LYS D 66 -11.49 16.25 6.98
C LYS D 66 -10.11 16.13 7.65
N ALA D 67 -9.06 16.37 6.89
CA ALA D 67 -7.70 16.24 7.41
C ALA D 67 -6.95 17.55 7.23
N SER D 68 -5.91 17.75 8.05
CA SER D 68 -5.17 19.00 8.07
C SER D 68 -3.72 18.72 8.40
N ARG D 69 -2.83 19.11 7.50
CA ARG D 69 -1.40 19.01 7.73
C ARG D 69 -0.87 20.45 7.64
N PRO D 70 -1.02 21.22 8.74
CA PRO D 70 -0.47 22.58 8.79
C PRO D 70 1.07 22.62 8.81
N SER D 71 1.70 21.59 9.36
CA SER D 71 3.15 21.57 9.50
C SER D 71 3.67 20.16 9.41
N GLN D 72 4.99 20.04 9.29
CA GLN D 72 5.65 18.73 9.31
C GLN D 72 5.37 17.97 10.61
N GLU D 73 5.19 18.68 11.73
CA GLU D 73 4.90 18.05 13.06
C GLU D 73 3.45 17.53 13.29
N ASN D 74 2.44 18.29 12.86
CA ASN D 74 1.05 18.04 13.24
C ASN D 74 0.18 17.59 12.06
N PHE D 75 -0.49 16.44 12.24
CA PHE D 75 -1.50 15.94 11.30
C PHE D 75 -2.78 15.79 12.11
N SER D 76 -3.83 16.47 11.69
CA SER D 76 -5.08 16.53 12.43
C SER D 76 -6.21 15.90 11.63
N LEU D 77 -7.10 15.25 12.38
CA LEU D 77 -8.28 14.62 11.84
C LEU D 77 -9.46 15.38 12.43
N ILE D 78 -10.25 15.99 11.54
CA ILE D 78 -11.31 16.91 11.93
C ILE D 78 -12.60 16.20 11.61
N LEU D 79 -13.43 15.98 12.62
CA LEU D 79 -14.80 15.47 12.44
C LEU D 79 -15.68 16.68 12.63
N GLU D 80 -16.24 17.17 11.52
CA GLU D 80 -16.98 18.44 11.50
C GLU D 80 -18.36 18.29 12.13
N LEU D 81 -19.09 17.25 11.70
CA LEU D 81 -20.39 16.89 12.27
C LEU D 81 -20.36 15.43 12.76
N ALA D 82 -19.93 15.25 14.00
CA ALA D 82 -19.71 13.93 14.59
C ALA D 82 -20.97 13.08 14.57
N THR D 83 -20.83 11.79 14.26
CA THR D 83 -21.95 10.84 14.35
C THR D 83 -21.54 9.65 15.23
N PRO D 84 -22.54 8.92 15.78
CA PRO D 84 -22.23 7.71 16.55
C PRO D 84 -21.38 6.67 15.80
N SER D 85 -21.56 6.58 14.48
CA SER D 85 -20.76 5.68 13.63
C SER D 85 -19.25 6.00 13.62
N GLN D 86 -18.88 7.19 14.08
CA GLN D 86 -17.48 7.57 14.29
C GLN D 86 -16.95 7.24 15.70
N THR D 87 -17.75 6.59 16.53
CA THR D 87 -17.25 5.99 17.77
C THR D 87 -16.25 4.92 17.38
N SER D 88 -15.07 4.94 17.99
CA SER D 88 -13.94 4.09 17.56
C SER D 88 -12.66 4.45 18.32
N VAL D 89 -11.59 3.72 18.02
CA VAL D 89 -10.25 4.02 18.49
C VAL D 89 -9.44 4.48 17.28
N TYR D 90 -8.79 5.63 17.36
CA TYR D 90 -8.10 6.19 16.20
C TYR D 90 -6.61 6.14 16.43
N PHE D 91 -5.88 5.73 15.40
CA PHE D 91 -4.45 5.65 15.48
C PHE D 91 -3.83 6.52 14.41
N CYS D 92 -2.73 7.16 14.80
CA CYS D 92 -1.95 7.98 13.92
C CYS D 92 -0.63 7.27 13.71
N ALA D 93 0.00 7.51 12.57
CA ALA D 93 1.37 7.06 12.37
C ALA D 93 2.16 7.98 11.50
N SER D 94 3.48 7.83 11.56
CA SER D 94 4.39 8.60 10.74
C SER D 94 5.45 7.69 10.16
N GLY D 95 6.09 8.16 9.10
CA GLY D 95 7.23 7.45 8.52
C GLY D 95 7.96 8.30 7.49
N ASP D 96 9.20 7.93 7.22
CA ASP D 96 9.93 8.54 6.11
C ASP D 96 9.73 7.69 4.83
N GLU D 97 10.74 7.63 3.96
CA GLU D 97 10.61 6.92 2.69
C GLU D 97 10.56 5.39 2.81
N GLY D 98 11.02 4.85 3.93
CA GLY D 98 10.95 3.41 4.18
C GLY D 98 9.53 2.94 4.42
N TYR D 99 9.34 1.62 4.45
CA TYR D 99 8.00 1.04 4.64
C TYR D 99 7.40 1.15 6.06
N THR D 100 8.25 1.33 7.08
CA THR D 100 7.82 1.31 8.47
C THR D 100 6.97 2.50 8.81
N GLN D 101 5.79 2.24 9.37
CA GLN D 101 4.95 3.27 9.93
C GLN D 101 4.95 3.10 11.42
N TYR D 102 5.36 4.15 12.14
CA TYR D 102 5.51 4.15 13.59
C TYR D 102 4.21 4.69 14.16
N PHE D 103 3.57 3.89 15.04
CA PHE D 103 2.22 4.22 15.52
C PHE D 103 2.17 4.98 16.83
N GLY D 104 1.15 5.82 16.94
CA GLY D 104 0.85 6.53 18.17
C GLY D 104 0.07 5.61 19.09
N PRO D 105 -0.16 6.04 20.33
CA PRO D 105 -0.77 5.20 21.37
C PRO D 105 -2.27 5.03 21.27
N GLY D 106 -2.93 5.78 20.39
CA GLY D 106 -4.35 5.64 20.16
C GLY D 106 -5.17 6.66 20.93
N THR D 107 -6.40 6.85 20.46
CA THR D 107 -7.31 7.87 20.93
C THR D 107 -8.73 7.29 20.92
N ARG D 108 -9.33 7.09 22.09
CA ARG D 108 -10.69 6.53 22.16
C ARG D 108 -11.73 7.64 22.03
N LEU D 109 -12.67 7.46 21.11
CA LEU D 109 -13.75 8.41 20.92
C LEU D 109 -15.10 7.69 21.06
N LEU D 110 -15.94 8.22 21.93
CA LEU D 110 -17.34 7.84 22.02
C LEU D 110 -18.13 9.06 21.57
N VAL D 111 -19.09 8.83 20.66
CA VAL D 111 -20.01 9.87 20.24
C VAL D 111 -21.41 9.45 20.66
N LEU D 112 -21.97 10.15 21.65
CA LEU D 112 -23.33 9.88 22.15
C LEU D 112 -24.35 10.68 21.38
N GLU D 113 -25.60 10.21 21.39
CA GLU D 113 -26.71 10.99 20.83
C GLU D 113 -26.98 12.20 21.68
N ASP D 114 -26.81 12.04 22.99
CA ASP D 114 -27.14 13.08 23.94
C ASP D 114 -26.26 13.01 25.20
N LEU D 115 -26.04 14.17 25.82
CA LEU D 115 -25.20 14.32 27.01
C LEU D 115 -25.97 14.41 28.34
N ARG D 116 -27.29 14.31 28.32
CA ARG D 116 -28.12 14.54 29.52
C ARG D 116 -27.73 13.64 30.73
N ASN D 117 -27.26 12.42 30.46
CA ASN D 117 -26.96 11.46 31.52
C ASN D 117 -25.49 11.42 31.95
N VAL D 118 -24.65 12.29 31.40
CA VAL D 118 -23.21 12.23 31.68
C VAL D 118 -22.99 12.61 33.15
N THR D 119 -22.18 11.82 33.86
CA THR D 119 -22.02 11.92 35.32
C THR D 119 -20.64 11.38 35.75
N PRO D 120 -19.89 12.15 36.56
CA PRO D 120 -18.61 11.65 37.04
C PRO D 120 -18.80 10.63 38.15
N PRO D 121 -17.77 9.79 38.42
CA PRO D 121 -17.86 8.81 39.47
C PRO D 121 -17.76 9.38 40.89
N LYS D 122 -18.22 8.59 41.87
CA LYS D 122 -17.82 8.71 43.27
C LYS D 122 -16.75 7.66 43.47
N VAL D 123 -15.69 7.98 44.19
CA VAL D 123 -14.64 7.00 44.44
C VAL D 123 -14.54 6.74 45.93
N SER D 124 -14.37 5.48 46.29
CA SER D 124 -14.22 5.07 47.69
C SER D 124 -13.13 4.02 47.78
N LEU D 125 -12.25 4.14 48.79
CA LEU D 125 -11.17 3.19 49.04
C LEU D 125 -11.52 2.38 50.27
N PHE D 126 -11.33 1.07 50.18
CA PHE D 126 -11.63 0.16 51.26
C PHE D 126 -10.33 -0.45 51.76
N GLU D 127 -10.11 -0.31 53.07
CA GLU D 127 -8.85 -0.69 53.70
C GLU D 127 -8.81 -2.21 53.96
N PRO D 128 -7.60 -2.81 53.97
CA PRO D 128 -7.44 -4.25 54.16
C PRO D 128 -8.05 -4.83 55.44
N SER D 129 -8.42 -6.11 55.37
CA SER D 129 -8.97 -6.84 56.51
C SER D 129 -7.84 -7.29 57.42
N LYS D 130 -8.01 -7.07 58.73
CA LYS D 130 -7.06 -7.58 59.75
C LYS D 130 -6.94 -9.11 59.69
N ALA D 131 -8.05 -9.76 59.35
CA ALA D 131 -8.06 -11.21 59.12
C ALA D 131 -7.20 -11.61 57.94
N GLU D 132 -7.29 -10.87 56.83
CA GLU D 132 -6.44 -11.12 55.66
C GLU D 132 -4.96 -10.99 56.02
N ILE D 133 -4.66 -9.91 56.75
CA ILE D 133 -3.30 -9.64 57.18
C ILE D 133 -2.72 -10.83 57.97
N SER D 134 -3.47 -11.30 58.97
CA SER D 134 -3.04 -12.40 59.83
C SER D 134 -3.04 -13.77 59.14
N HIS D 135 -3.97 -14.01 58.24
CA HIS D 135 -4.07 -15.30 57.53
C HIS D 135 -3.04 -15.47 56.41
N THR D 136 -2.71 -14.38 55.69
CA THR D 136 -1.86 -14.41 54.48
C THR D 136 -0.54 -13.62 54.55
N GLN D 137 -0.37 -12.78 55.57
CA GLN D 137 0.65 -11.73 55.58
C GLN D 137 0.62 -10.84 54.30
N LYS D 138 -0.60 -10.62 53.80
CA LYS D 138 -0.82 -9.76 52.65
C LYS D 138 -2.03 -8.88 52.91
N ALA D 139 -2.04 -7.71 52.27
CA ALA D 139 -3.03 -6.66 52.52
C ALA D 139 -3.60 -6.19 51.19
N THR D 140 -4.91 -6.37 51.01
CA THR D 140 -5.58 -6.03 49.74
C THR D 140 -6.45 -4.80 49.95
N LEU D 141 -6.12 -3.73 49.22
CA LEU D 141 -6.97 -2.57 49.13
C LEU D 141 -7.94 -2.76 47.97
N VAL D 142 -9.15 -2.21 48.13
CA VAL D 142 -10.15 -2.22 47.07
C VAL D 142 -10.68 -0.83 46.87
N CYS D 143 -10.84 -0.47 45.59
CA CYS D 143 -11.35 0.83 45.22
C CYS D 143 -12.58 0.66 44.36
N LEU D 144 -13.64 1.42 44.66
CA LEU D 144 -14.88 1.39 43.91
C LEU D 144 -15.11 2.71 43.24
N ALA D 145 -15.30 2.70 41.93
CA ALA D 145 -15.80 3.87 41.20
C ALA D 145 -17.24 3.55 40.88
N THR D 146 -18.16 4.42 41.29
CA THR D 146 -19.59 4.19 41.11
C THR D 146 -20.31 5.44 40.58
N GLY D 147 -21.47 5.20 39.97
CA GLY D 147 -22.40 6.27 39.60
C GLY D 147 -22.09 6.96 38.29
N PHE D 148 -21.19 6.41 37.48
CA PHE D 148 -20.64 7.15 36.35
C PHE D 148 -21.24 6.79 35.00
N TYR D 149 -21.35 7.80 34.14
CA TYR D 149 -21.76 7.61 32.76
C TYR D 149 -21.07 8.68 31.91
N PRO D 150 -20.54 8.35 30.72
CA PRO D 150 -20.42 6.98 30.18
C PRO D 150 -19.23 6.20 30.79
N ASP D 151 -18.90 5.07 30.20
CA ASP D 151 -17.89 4.15 30.78
C ASP D 151 -16.38 4.48 30.53
N HIS D 152 -16.07 5.62 29.91
CA HIS D 152 -14.68 6.05 29.68
C HIS D 152 -13.99 6.57 30.95
N VAL D 153 -13.41 5.64 31.71
CA VAL D 153 -12.64 5.94 32.91
C VAL D 153 -11.33 5.20 32.84
N GLU D 154 -10.30 5.78 33.42
CA GLU D 154 -9.00 5.16 33.55
C GLU D 154 -8.75 5.18 35.03
N LEU D 155 -8.65 4.00 35.63
CA LEU D 155 -8.40 3.88 37.07
C LEU D 155 -6.91 3.59 37.27
N SER D 156 -6.30 4.18 38.30
CA SER D 156 -4.89 3.92 38.61
C SER D 156 -4.61 4.06 40.10
N TRP D 157 -3.59 3.32 40.56
CA TRP D 157 -3.12 3.34 41.93
C TRP D 157 -1.80 4.09 42.04
N TRP D 158 -1.67 4.87 43.11
CA TRP D 158 -0.47 5.65 43.37
C TRP D 158 -0.04 5.42 44.81
N VAL D 159 1.25 5.16 44.99
CA VAL D 159 1.83 5.00 46.30
C VAL D 159 2.97 6.03 46.42
N ASN D 160 2.85 6.91 47.42
CA ASN D 160 3.77 8.04 47.60
C ASN D 160 4.04 8.83 46.32
N GLY D 161 2.95 9.19 45.65
CA GLY D 161 2.96 10.07 44.50
C GLY D 161 3.50 9.44 43.25
N LYS D 162 3.65 8.12 43.23
CA LYS D 162 4.16 7.42 42.05
C LYS D 162 3.23 6.24 41.73
N GLU D 163 2.86 6.13 40.45
CA GLU D 163 1.91 5.10 40.01
C GLU D 163 2.50 3.68 40.16
N VAL D 164 1.66 2.73 40.60
CA VAL D 164 2.05 1.31 40.76
C VAL D 164 1.19 0.39 39.87
N HIS D 165 1.84 -0.62 39.30
CA HIS D 165 1.21 -1.65 38.45
C HIS D 165 1.33 -3.05 39.03
N SER D 166 2.47 -3.37 39.63
CA SER D 166 2.61 -4.62 40.38
C SER D 166 1.56 -4.68 41.48
N GLY D 167 0.92 -5.85 41.61
CA GLY D 167 -0.11 -6.08 42.60
C GLY D 167 -1.49 -5.56 42.25
N VAL D 168 -1.66 -4.92 41.09
CA VAL D 168 -2.94 -4.34 40.73
C VAL D 168 -3.69 -5.30 39.82
N CYS D 169 -5.02 -5.30 39.94
CA CYS D 169 -5.86 -5.72 38.82
C CYS D 169 -7.18 -4.96 38.85
N THR D 170 -7.63 -4.58 37.67
CA THR D 170 -8.83 -3.78 37.52
C THR D 170 -9.80 -4.51 36.61
N ASP D 171 -11.09 -4.39 36.93
CA ASP D 171 -12.15 -5.04 36.15
C ASP D 171 -11.99 -4.67 34.67
N PRO D 172 -12.00 -5.67 33.77
CA PRO D 172 -11.76 -5.38 32.35
C PRO D 172 -12.87 -4.57 31.72
N GLN D 173 -14.09 -4.65 32.26
CA GLN D 173 -15.21 -3.79 31.86
C GLN D 173 -16.01 -3.33 33.08
N PRO D 174 -16.58 -2.12 33.03
CA PRO D 174 -17.48 -1.71 34.11
C PRO D 174 -18.82 -2.43 34.04
N LEU D 175 -19.32 -2.88 35.19
CA LEU D 175 -20.66 -3.43 35.30
C LEU D 175 -21.74 -2.34 35.44
N LYS D 176 -22.96 -2.63 34.98
CA LYS D 176 -24.08 -1.67 35.02
C LYS D 176 -24.87 -1.71 36.33
N GLU D 177 -25.29 -0.53 36.79
CA GLU D 177 -25.95 -0.37 38.10
C GLU D 177 -27.45 -0.64 38.03
N GLN D 178 -28.06 -0.27 36.90
CA GLN D 178 -29.45 -0.59 36.57
C GLN D 178 -29.48 -1.30 35.20
N PRO D 179 -29.07 -2.59 35.12
CA PRO D 179 -28.99 -3.24 33.79
C PRO D 179 -30.29 -3.23 32.96
N ALA D 180 -31.43 -3.03 33.64
CA ALA D 180 -32.68 -2.71 32.98
C ALA D 180 -32.59 -1.40 32.18
N LEU D 181 -32.46 -0.27 32.88
CA LEU D 181 -32.53 1.08 32.29
C LEU D 181 -31.57 1.33 31.11
N ASN D 182 -31.97 2.24 30.21
CA ASN D 182 -31.35 2.40 28.88
C ASN D 182 -29.94 2.97 28.94
N ASP D 183 -29.84 4.18 29.47
CA ASP D 183 -28.56 4.87 29.67
C ASP D 183 -28.15 4.72 31.15
N SER D 184 -27.81 3.48 31.50
CA SER D 184 -27.53 3.09 32.89
C SER D 184 -26.16 3.57 33.34
N ARG D 185 -26.07 4.07 34.56
CA ARG D 185 -24.78 4.37 35.17
C ARG D 185 -23.94 3.08 35.39
N TYR D 186 -22.62 3.23 35.49
CA TYR D 186 -21.70 2.11 35.69
C TYR D 186 -20.98 2.12 37.05
N SER D 187 -20.48 0.94 37.42
CA SER D 187 -19.55 0.78 38.54
C SER D 187 -18.35 -0.05 38.10
N LEU D 188 -17.22 0.18 38.76
CA LEU D 188 -15.96 -0.45 38.39
C LEU D 188 -15.11 -0.64 39.63
N SER D 189 -14.53 -1.82 39.79
CA SER D 189 -13.69 -2.11 40.94
C SER D 189 -12.24 -2.38 40.52
N SER D 190 -11.36 -2.25 41.50
CA SER D 190 -9.94 -2.54 41.31
C SER D 190 -9.38 -2.99 42.62
N ARG D 191 -8.30 -3.76 42.57
CA ARG D 191 -7.57 -4.17 43.77
C ARG D 191 -6.08 -3.88 43.65
N LEU D 192 -5.48 -3.48 44.76
CA LEU D 192 -4.03 -3.38 44.95
C LEU D 192 -3.68 -4.26 46.13
N ARG D 193 -2.86 -5.29 45.88
CA ARG D 193 -2.41 -6.17 46.94
C ARG D 193 -0.93 -5.99 47.18
N VAL D 194 -0.59 -5.83 48.46
CA VAL D 194 0.76 -5.52 48.93
C VAL D 194 1.05 -6.36 50.18
N SER D 195 2.32 -6.38 50.58
CA SER D 195 2.75 -7.12 51.78
C SER D 195 2.26 -6.39 53.03
N ALA D 196 1.89 -7.15 54.04
CA ALA D 196 1.28 -6.57 55.24
C ALA D 196 2.17 -5.54 55.94
N THR D 197 3.48 -5.76 55.91
CA THR D 197 4.43 -4.82 56.50
C THR D 197 4.47 -3.50 55.75
N PHE D 198 4.31 -3.56 54.43
CA PHE D 198 4.24 -2.37 53.58
C PHE D 198 2.98 -1.54 53.88
N TRP D 199 1.83 -2.22 54.00
CA TRP D 199 0.59 -1.58 54.46
C TRP D 199 0.68 -1.11 55.93
N GLN D 200 1.35 -1.87 56.79
CA GLN D 200 1.49 -1.46 58.22
C GLN D 200 2.38 -0.22 58.45
N ASN D 201 3.22 0.10 57.46
CA ASN D 201 4.10 1.29 57.50
C ASN D 201 3.32 2.60 57.30
N PRO D 202 3.17 3.42 58.37
CA PRO D 202 2.31 4.61 58.27
C PRO D 202 2.89 5.81 57.52
N ARG D 203 4.06 5.65 56.90
CA ARG D 203 4.62 6.67 56.03
C ARG D 203 4.29 6.44 54.56
N ASN D 204 3.66 5.30 54.25
CA ASN D 204 3.16 4.98 52.92
C ASN D 204 1.73 5.51 52.69
N HIS D 205 1.59 6.34 51.66
CA HIS D 205 0.32 6.99 51.32
C HIS D 205 -0.27 6.34 50.06
N PHE D 206 -1.45 5.74 50.21
CA PHE D 206 -2.11 5.01 49.12
C PHE D 206 -3.23 5.83 48.50
N ARG D 207 -3.29 5.85 47.18
CA ARG D 207 -4.35 6.57 46.49
C ARG D 207 -4.86 5.87 45.22
N CYS D 208 -6.18 5.70 45.17
CA CYS D 208 -6.90 5.27 43.98
C CYS D 208 -7.42 6.49 43.23
N GLN D 209 -7.10 6.61 41.95
CA GLN D 209 -7.45 7.76 41.13
C GLN D 209 -8.27 7.28 39.94
N VAL D 210 -9.40 7.93 39.68
CA VAL D 210 -10.17 7.69 38.46
C VAL D 210 -10.18 8.94 37.57
N GLN D 211 -9.58 8.84 36.39
CA GLN D 211 -9.67 9.86 35.37
C GLN D 211 -10.98 9.64 34.59
N PHE D 212 -11.91 10.59 34.72
CA PHE D 212 -13.20 10.48 34.05
C PHE D 212 -13.16 11.41 32.87
N TYR D 213 -13.63 10.94 31.73
CA TYR D 213 -13.73 11.78 30.54
C TYR D 213 -15.20 12.13 30.34
N GLY D 214 -15.50 13.41 30.22
CA GLY D 214 -16.89 13.87 30.10
C GLY D 214 -16.95 15.12 29.26
N LEU D 215 -17.61 16.15 29.77
CA LEU D 215 -17.85 17.35 29.01
C LEU D 215 -16.59 18.22 28.98
N SER D 216 -16.52 19.07 27.97
CA SER D 216 -15.54 20.13 27.85
C SER D 216 -16.11 21.42 28.46
N GLU D 217 -15.24 22.37 28.75
CA GLU D 217 -15.67 23.71 29.22
C GLU D 217 -16.55 24.43 28.19
N ASN D 218 -16.38 24.10 26.90
CA ASN D 218 -17.20 24.68 25.83
C ASN D 218 -18.53 23.97 25.53
N ASP D 219 -18.70 22.71 25.98
CA ASP D 219 -19.98 22.00 25.82
C ASP D 219 -21.08 22.70 26.65
N GLU D 220 -22.27 22.88 26.07
CA GLU D 220 -23.39 23.58 26.74
C GLU D 220 -23.99 22.68 27.80
N TRP D 221 -24.50 23.29 28.88
CA TRP D 221 -25.10 22.55 29.99
C TRP D 221 -26.35 23.27 30.45
N THR D 222 -27.47 22.56 30.43
CA THR D 222 -28.78 23.15 30.72
C THR D 222 -29.38 22.72 32.08
N GLN D 223 -28.83 21.66 32.69
CA GLN D 223 -29.39 21.10 33.92
C GLN D 223 -28.93 21.81 35.18
N ASP D 224 -29.70 21.60 36.25
CA ASP D 224 -29.47 22.28 37.52
C ASP D 224 -28.21 21.81 38.23
N ARG D 225 -27.92 20.49 38.17
CA ARG D 225 -26.73 19.92 38.81
C ARG D 225 -25.43 20.43 38.19
N ALA D 226 -24.32 20.19 38.90
CA ALA D 226 -22.98 20.56 38.44
C ALA D 226 -22.67 19.96 37.06
N LYS D 227 -21.87 20.68 36.29
CA LYS D 227 -21.51 20.28 34.94
C LYS D 227 -20.53 19.09 34.99
N PRO D 228 -20.87 17.95 34.35
CA PRO D 228 -20.09 16.72 34.44
C PRO D 228 -18.85 16.73 33.54
N VAL D 229 -17.89 17.56 33.90
CA VAL D 229 -16.70 17.78 33.10
C VAL D 229 -15.73 16.62 33.19
N THR D 230 -14.82 16.56 32.22
CA THR D 230 -13.65 15.70 32.31
C THR D 230 -12.94 16.07 33.61
N GLN D 231 -12.62 15.10 34.45
CA GLN D 231 -12.04 15.39 35.77
C GLN D 231 -11.46 14.16 36.43
N ILE D 232 -10.74 14.41 37.52
CA ILE D 232 -10.21 13.36 38.36
C ILE D 232 -10.93 13.35 39.72
N VAL D 233 -11.34 12.15 40.13
CA VAL D 233 -11.87 11.90 41.45
C VAL D 233 -11.01 10.80 42.04
N SER D 234 -10.67 10.91 43.32
CA SER D 234 -9.79 9.95 43.96
C SER D 234 -10.10 9.73 45.45
N ALA D 235 -9.50 8.69 46.00
CA ALA D 235 -9.63 8.35 47.40
C ALA D 235 -8.28 7.85 47.90
N GLU D 236 -8.09 8.08 49.19
CA GLU D 236 -6.78 8.21 49.81
C GLU D 236 -6.79 7.47 51.17
N ALA D 237 -5.69 6.79 51.51
CA ALA D 237 -5.47 6.28 52.87
C ALA D 237 -3.99 6.06 53.19
N TRP D 238 -3.66 6.14 54.48
CA TRP D 238 -2.31 5.90 54.99
C TRP D 238 -2.17 4.54 55.62
N GLY D 239 -0.96 3.99 55.58
CA GLY D 239 -0.66 2.76 56.31
C GLY D 239 -0.77 2.92 57.82
N ARG D 240 -0.87 1.79 58.53
CA ARG D 240 -1.03 1.77 60.00
C ARG D 240 -0.78 0.38 60.57
N ALA D 241 -0.15 0.33 61.75
CA ALA D 241 0.04 -0.93 62.48
C ALA D 241 -1.10 -1.11 63.49
C1 NAG E . 24.60 -6.10 -11.44
C2 NAG E . 25.09 -6.43 -10.04
C3 NAG E . 25.50 -5.14 -9.32
C4 NAG E . 26.53 -4.37 -10.15
C5 NAG E . 25.99 -4.17 -11.58
C6 NAG E . 27.00 -3.44 -12.47
C7 NAG E . 23.84 -8.39 -9.26
C8 NAG E . 22.78 -8.83 -8.29
N2 NAG E . 24.09 -7.08 -9.22
O3 NAG E . 26.03 -5.50 -8.04
O4 NAG E . 26.75 -3.09 -9.53
O5 NAG E . 25.64 -5.44 -12.16
O6 NAG E . 26.56 -3.43 -13.83
O7 NAG E . 24.41 -9.17 -10.02
C1 NAG E . 27.98 -2.98 -8.78
C2 NAG E . 28.35 -1.49 -8.68
C3 NAG E . 29.34 -1.18 -7.57
C4 NAG E . 29.13 -2.00 -6.30
C5 NAG E . 28.94 -3.48 -6.64
C6 NAG E . 28.70 -4.38 -5.42
C7 NAG E . 28.52 0.00 -10.67
C8 NAG E . 29.30 0.23 -11.93
N2 NAG E . 28.94 -1.05 -9.94
O3 NAG E . 29.21 0.20 -7.23
O4 NAG E . 30.29 -1.83 -5.45
O5 NAG E . 27.81 -3.58 -7.50
O6 NAG E . 27.29 -4.46 -5.13
O7 NAG E . 27.59 0.73 -10.36
C1 BMA E . 30.09 -0.89 -4.37
C2 BMA E . 30.88 -1.36 -3.17
C3 BMA E . 30.69 -0.42 -1.98
C4 BMA E . 30.72 1.07 -2.35
C5 BMA E . 30.16 1.42 -3.73
C6 BMA E . 30.69 2.79 -4.20
O2 BMA E . 32.26 -1.48 -3.55
O3 BMA E . 31.74 -0.66 -1.03
O4 BMA E . 29.98 1.80 -1.35
O5 BMA E . 30.52 0.43 -4.71
O6 BMA E . 29.72 3.47 -5.01
C1 MAN E . 31.29 -1.14 0.25
C2 MAN E . 32.46 -1.11 1.22
C3 MAN E . 33.53 -2.14 0.82
C4 MAN E . 32.94 -3.54 0.57
C5 MAN E . 31.64 -3.51 -0.24
C6 MAN E . 30.91 -4.84 -0.16
O2 MAN E . 32.00 -1.37 2.55
O3 MAN E . 34.52 -2.19 1.85
O4 MAN E . 33.89 -4.34 -0.14
O5 MAN E . 30.74 -2.47 0.21
O6 MAN E . 30.26 -5.12 -1.41
C1 FUC E . 26.09 -2.14 -14.34
C2 FUC E . 26.13 -2.15 -15.87
C3 FUC E . 25.05 -3.09 -16.44
C4 FUC E . 23.68 -2.70 -15.88
C5 FUC E . 23.75 -2.68 -14.35
C6 FUC E . 22.41 -2.31 -13.73
O2 FUC E . 27.43 -2.53 -16.32
O3 FUC E . 25.02 -3.09 -17.87
O4 FUC E . 23.27 -1.42 -16.39
O5 FUC E . 24.77 -1.79 -13.88
C1 NAG F . -9.82 11.71 -17.12
C2 NAG F . -11.25 12.29 -17.06
C3 NAG F . -12.13 11.82 -18.23
C4 NAG F . -11.43 11.81 -19.59
C5 NAG F . -10.09 11.07 -19.45
C6 NAG F . -9.29 11.02 -20.78
C7 NAG F . -12.04 12.66 -14.72
C8 NAG F . -12.74 11.97 -13.58
N2 NAG F . -11.89 11.88 -15.81
O3 NAG F . -13.27 12.70 -18.30
O4 NAG F . -12.27 11.20 -20.59
O5 NAG F . -9.30 11.71 -18.46
O6 NAG F . -8.72 12.29 -21.09
O7 NAG F . -11.67 13.82 -14.64
C1 NAG G . -5.95 -0.17 -18.30
C2 NAG G . -7.34 0.46 -18.31
C3 NAG G . -7.97 0.61 -16.91
C4 NAG G . -7.95 -0.70 -16.15
C5 NAG G . -6.51 -1.25 -16.15
C6 NAG G . -6.46 -2.64 -15.52
C7 NAG G . -7.93 2.13 -20.00
C8 NAG G . -7.75 3.55 -20.45
N2 NAG G . -7.28 1.78 -18.89
O3 NAG G . -9.31 1.06 -17.08
O4 NAG G . -8.53 -0.55 -14.83
O5 NAG G . -5.94 -1.34 -17.48
O6 NAG G . -5.91 -3.58 -16.44
O7 NAG G . -8.63 1.36 -20.63
O EMG H . 7.51 -4.93 -9.82
C46 EMG H . 8.77 -9.21 -22.74
C45 EMG H . 9.99 -10.11 -22.84
C44 EMG H . 10.77 -9.73 -21.60
C39 EMG H . 12.06 -10.56 -21.56
C38 EMG H . 12.55 -10.55 -20.10
C37 EMG H . 13.87 -9.77 -19.91
C36 EMG H . 13.48 -8.29 -20.04
C35 EMG H . 14.63 -7.47 -19.44
C43 EMG H . 14.15 -6.01 -19.44
C42 EMG H . 13.68 -5.73 -18.02
C41 EMG H . 12.66 -4.58 -18.05
C40 EMG H . 12.71 -4.06 -16.62
C7 EMG H . 11.43 -3.29 -16.21
C6 EMG H . 11.87 -2.66 -14.88
C5 EMG H . 10.75 -2.59 -13.83
C4 EMG H . 10.73 -3.96 -13.14
C3 EMG H . 10.41 -3.74 -11.66
C2 EMG H . 10.12 -5.15 -11.15
C1 EMG H . 9.93 -5.14 -9.63
C20 EMG H . 8.53 -4.53 -9.27
N2 EMG H . 8.48 -3.58 -8.31
C27 EMG H . 7.18 -2.98 -7.96
C28 EMG H . 6.48 -3.87 -6.92
O4 EMG H . 7.25 -3.88 -5.73
C31 EMG H . 6.73 -4.63 -4.62
O9 EMG H . 6.67 -6.06 -4.88
C30 EMG H . 7.96 -6.68 -5.13
C29 EMG H . 7.81 -8.19 -5.35
O8 EMG H . 6.84 -8.38 -6.36
C34 EMG H . 8.92 -6.46 -3.96
O7 EMG H . 8.43 -7.11 -2.79
C33 EMG H . 9.04 -4.99 -3.68
O6 EMG H . 9.87 -4.86 -2.52
C32 EMG H . 7.64 -4.36 -3.44
O5 EMG H . 7.79 -2.92 -3.28
C26 EMG H . 7.38 -1.57 -7.42
O3 EMG H . 6.11 -1.06 -7.15
C25 EMG H . 8.09 -0.61 -8.37
O2 EMG H . 8.16 0.65 -7.67
C24 EMG H . 7.33 -0.47 -9.70
C23 EMG H . 7.81 0.76 -10.48
C22 EMG H . 9.33 0.69 -10.66
C21 EMG H . 9.71 1.59 -11.89
O1 EMG H . 9.57 1.16 -13.03
N1 EMG H . 10.24 2.83 -11.66
C19 EMG H . 10.63 3.70 -12.79
C18 EMG H . 11.09 5.11 -12.36
C17 EMG H . 9.93 6.11 -12.34
C16 EMG H . 10.42 7.56 -12.60
C15 EMG H . 9.66 8.54 -11.69
C14 EMG H . 9.23 9.82 -12.42
C13 EMG H . 8.05 10.59 -11.81
C12 EMG H . 6.94 10.93 -12.57
C11 EMG H . 5.86 11.62 -11.99
C10 EMG H . 5.88 11.96 -10.64
C9 EMG H . 6.99 11.60 -9.88
C8 EMG H . 8.07 10.92 -10.46
NA NA I . 7.65 10.47 -21.55
NA NA J . -3.75 -15.19 14.17
NA NA K . -16.84 8.92 30.71
NA NA L . -0.16 8.51 46.65
#